data_2C0C
#
_entry.id   2C0C
#
_cell.length_a   61.164
_cell.length_b   82.137
_cell.length_c   73.905
_cell.angle_alpha   90.00
_cell.angle_beta   112.54
_cell.angle_gamma   90.00
#
_symmetry.space_group_name_H-M   'P 1 21 1'
#
loop_
_entity.id
_entity.type
_entity.pdbx_description
1 polymer 'ZINC BINDING ALCOHOL DEHYDROGENASE, DOMAIN CONTAINING 2'
2 non-polymer 'NADP NICOTINAMIDE-ADENINE-DINUCLEOTIDE PHOSPHATE'
3 water water
#
_entity_poly.entity_id   1
_entity_poly.type   'polypeptide(L)'
_entity_poly.pdbx_seq_one_letter_code
;MHHHHHHSSGVDLGTENLYFQSMMQKLVVTRLSPNFREAVTLSRDCPVPLPGDGDLLVRNRFVGVNASDINYSAGRYDPS
VKPPFDIGFEGIGEVVALGLSASARYTVGQAVAYMAPGSFAEYTVVPASIATPVPSVKPEYLTLLVSGTTAYISLKELGG
LSEGKKVLVTAAAGGTGQFAMQLSKKAKCHVIGTCSSDEKSAFLKSLGCDRPINYKTEPVGTVLKQEYPEGVDVVYESVG
GAMFDLAVDALATKGRLIVIGFISGYQTPTGLSPVKAGTLPAKLLKKSASVQGFFLNHYLSKYQAAMSHLLEMCVSGDLV
CEVDLGDLSPEGRFTGLESIFRAVNYMYMGKNTGKIVVELPH
;
_entity_poly.pdbx_strand_id   A,B
#
# COMPACT_ATOMS: atom_id res chain seq x y z
N GLY A 10 25.48 34.85 -33.32
CA GLY A 10 26.40 33.69 -33.40
C GLY A 10 25.65 32.36 -33.36
N VAL A 11 24.85 32.19 -32.31
CA VAL A 11 24.21 30.90 -32.02
C VAL A 11 23.15 30.52 -33.05
N ASP A 12 23.22 29.27 -33.50
CA ASP A 12 22.19 28.68 -34.33
C ASP A 12 21.05 28.23 -33.42
N LEU A 13 19.91 28.92 -33.55
CA LEU A 13 18.63 28.53 -32.92
C LEU A 13 17.68 27.77 -33.84
N GLY A 14 18.14 27.37 -35.01
CA GLY A 14 17.32 26.62 -35.97
C GLY A 14 16.33 27.45 -36.75
N THR A 15 16.60 28.75 -36.86
CA THR A 15 15.65 29.68 -37.44
C THR A 15 15.43 29.42 -38.94
N GLU A 16 16.48 28.98 -39.65
CA GLU A 16 16.36 28.58 -41.06
C GLU A 16 15.47 27.37 -41.21
N ASN A 17 15.74 26.34 -40.42
CA ASN A 17 14.85 25.20 -40.36
C ASN A 17 13.38 25.59 -40.21
N LEU A 18 13.10 26.46 -39.23
CA LEU A 18 11.73 26.92 -38.91
C LEU A 18 11.09 27.61 -40.12
N TYR A 19 11.90 28.35 -40.87
CA TYR A 19 11.38 28.97 -42.08
C TYR A 19 10.87 27.95 -43.08
N PHE A 20 11.65 26.90 -43.30
CA PHE A 20 11.43 25.98 -44.42
C PHE A 20 10.63 24.77 -44.02
N GLN A 21 10.73 24.38 -42.76
CA GLN A 21 9.94 23.26 -42.25
C GLN A 21 8.70 23.86 -41.59
N SER A 22 7.69 24.14 -42.41
CA SER A 22 6.51 24.94 -42.03
C SER A 22 5.24 24.16 -41.63
N MET A 23 5.00 23.02 -42.30
CA MET A 23 3.81 22.17 -42.10
C MET A 23 4.22 20.73 -41.82
N MET A 24 3.30 19.97 -41.21
CA MET A 24 3.59 18.62 -40.76
C MET A 24 2.31 17.83 -40.54
N GLN A 25 2.46 16.53 -40.30
CA GLN A 25 1.38 15.66 -39.87
C GLN A 25 1.42 15.50 -38.36
N LYS A 26 0.26 15.27 -37.78
CA LYS A 26 0.16 14.86 -36.39
C LYS A 26 -1.15 14.19 -36.12
N LEU A 27 -1.18 13.43 -35.04
CA LEU A 27 -2.39 12.76 -34.55
C LEU A 27 -3.09 13.69 -33.56
N VAL A 28 -4.44 13.72 -33.63
CA VAL A 28 -5.24 14.60 -32.80
C VAL A 28 -6.44 13.82 -32.24
N VAL A 29 -6.65 13.93 -30.93
CA VAL A 29 -7.84 13.38 -30.33
C VAL A 29 -8.98 14.30 -30.75
N THR A 30 -9.86 13.75 -31.57
CA THR A 30 -11.01 14.51 -32.07
C THR A 30 -12.35 14.12 -31.43
N ARG A 31 -12.42 12.97 -30.79
CA ARG A 31 -13.61 12.55 -30.08
C ARG A 31 -13.13 11.70 -28.94
N LEU A 32 -13.69 11.89 -27.75
CA LEU A 32 -13.26 11.05 -26.61
C LEU A 32 -13.81 9.67 -26.73
N SER A 33 -12.92 8.69 -26.70
CA SER A 33 -13.26 7.31 -26.72
C SER A 33 -12.04 6.47 -26.34
N PRO A 34 -12.23 5.32 -25.67
CA PRO A 34 -11.14 4.36 -25.52
C PRO A 34 -10.88 3.52 -26.76
N ASN A 35 -11.64 3.69 -27.83
CA ASN A 35 -11.35 3.11 -29.12
C ASN A 35 -10.49 4.12 -29.85
N PHE A 36 -9.21 3.81 -29.95
CA PHE A 36 -8.23 4.73 -30.45
C PHE A 36 -8.56 5.19 -31.86
N ARG A 37 -8.93 4.24 -32.71
CA ARG A 37 -9.29 4.57 -34.07
C ARG A 37 -10.49 5.51 -34.13
N GLU A 38 -11.47 5.32 -33.26
CA GLU A 38 -12.61 6.20 -33.21
C GLU A 38 -12.29 7.60 -32.71
N ALA A 39 -11.33 7.67 -31.83
CA ALA A 39 -10.99 8.86 -31.08
C ALA A 39 -10.01 9.75 -31.83
N VAL A 40 -9.12 9.13 -32.59
CA VAL A 40 -7.98 9.86 -33.09
C VAL A 40 -7.97 9.95 -34.61
N THR A 41 -7.62 11.13 -35.09
CA THR A 41 -7.51 11.45 -36.53
C THR A 41 -6.10 11.89 -36.88
N LEU A 42 -5.59 11.38 -38.01
CA LEU A 42 -4.39 11.90 -38.61
C LEU A 42 -4.71 13.19 -39.36
N SER A 43 -4.11 14.28 -38.89
CA SER A 43 -4.21 15.59 -39.51
C SER A 43 -2.94 15.91 -40.30
N ARG A 44 -3.15 16.64 -41.40
N ARG A 44 -3.12 16.50 -41.49
CA ARG A 44 -2.11 17.04 -42.31
CA ARG A 44 -2.14 16.38 -42.58
C ARG A 44 -2.06 18.54 -42.49
C ARG A 44 -1.43 17.65 -42.99
N ASP A 45 -0.90 19.00 -42.93
N ASP A 45 -1.95 18.81 -42.59
CA ASP A 45 -0.64 20.43 -43.12
CA ASP A 45 -1.31 20.06 -42.97
C ASP A 45 -1.03 21.23 -41.89
C ASP A 45 -1.33 21.06 -41.82
N CYS A 46 -0.70 20.67 -40.72
CA CYS A 46 -0.76 21.40 -39.49
C CYS A 46 0.49 22.26 -39.46
N PRO A 47 0.40 23.45 -38.93
CA PRO A 47 1.63 24.23 -38.78
C PRO A 47 2.62 23.58 -37.82
N VAL A 48 3.91 23.68 -38.13
CA VAL A 48 4.90 23.20 -37.20
C VAL A 48 4.92 24.21 -36.07
N PRO A 49 4.83 23.73 -34.83
CA PRO A 49 4.79 24.65 -33.73
C PRO A 49 6.16 25.31 -33.52
N LEU A 50 6.18 26.53 -33.03
CA LEU A 50 7.42 27.20 -32.72
C LEU A 50 7.82 27.12 -31.26
N PRO A 51 9.11 26.93 -30.97
CA PRO A 51 9.54 26.83 -29.58
C PRO A 51 9.68 28.19 -28.89
N GLY A 52 9.31 28.25 -27.62
CA GLY A 52 9.47 29.44 -26.81
C GLY A 52 10.87 29.53 -26.28
N ASP A 53 11.15 30.55 -25.49
CA ASP A 53 12.51 30.77 -25.04
C ASP A 53 13.10 29.58 -24.31
N GLY A 54 12.29 28.86 -23.56
CA GLY A 54 12.77 27.73 -22.75
C GLY A 54 12.51 26.36 -23.38
N ASP A 55 12.10 26.36 -24.63
CA ASP A 55 11.70 25.14 -25.33
C ASP A 55 12.68 24.66 -26.39
N LEU A 56 12.64 23.34 -26.64
CA LEU A 56 13.19 22.75 -27.87
C LEU A 56 12.09 22.39 -28.84
N LEU A 57 12.38 22.41 -30.12
CA LEU A 57 11.53 21.79 -31.12
C LEU A 57 12.23 20.52 -31.56
N VAL A 58 11.55 19.41 -31.36
CA VAL A 58 12.13 18.11 -31.64
C VAL A 58 11.45 17.46 -32.87
N ARG A 59 12.24 17.02 -33.84
CA ARG A 59 11.76 16.18 -34.93
C ARG A 59 11.81 14.72 -34.48
N ASN A 60 10.64 14.18 -34.17
CA ASN A 60 10.50 12.87 -33.63
C ASN A 60 10.90 11.90 -34.68
N ARG A 61 11.74 10.96 -34.26
CA ARG A 61 12.12 9.86 -35.12
C ARG A 61 11.66 8.49 -34.67
N PHE A 62 11.43 8.34 -33.37
CA PHE A 62 10.62 7.26 -32.85
C PHE A 62 9.68 7.75 -31.80
N VAL A 63 8.53 7.10 -31.68
CA VAL A 63 7.55 7.45 -30.63
C VAL A 63 7.13 6.17 -29.98
N GLY A 64 6.79 6.21 -28.71
CA GLY A 64 6.43 4.99 -28.01
C GLY A 64 4.93 4.87 -27.97
N VAL A 65 4.48 3.65 -28.12
CA VAL A 65 3.09 3.27 -27.94
C VAL A 65 2.92 2.69 -26.55
N ASN A 66 1.97 3.24 -25.82
CA ASN A 66 1.79 2.97 -24.39
C ASN A 66 0.36 2.51 -24.21
N ALA A 67 0.12 1.53 -23.37
CA ALA A 67 -1.23 1.03 -23.05
C ALA A 67 -2.19 2.13 -22.73
N SER A 68 -1.74 3.14 -21.98
CA SER A 68 -2.62 4.23 -21.57
C SER A 68 -2.92 5.25 -22.63
N ASP A 69 -2.34 5.09 -23.81
CA ASP A 69 -2.73 5.92 -24.94
C ASP A 69 -4.27 5.99 -25.08
N ILE A 70 -4.91 4.83 -24.86
CA ILE A 70 -6.38 4.73 -24.96
C ILE A 70 -7.13 5.31 -23.74
N ASN A 71 -6.46 5.33 -22.59
CA ASN A 71 -6.97 6.11 -21.48
C ASN A 71 -6.91 7.60 -21.77
N TYR A 72 -5.84 8.03 -22.42
CA TYR A 72 -5.71 9.43 -22.79
C TYR A 72 -6.74 9.84 -23.80
N SER A 73 -6.95 9.00 -24.80
CA SER A 73 -7.88 9.30 -25.88
C SER A 73 -9.33 9.29 -25.36
N ALA A 74 -9.56 8.56 -24.28
CA ALA A 74 -10.85 8.51 -23.65
C ALA A 74 -11.14 9.68 -22.72
N GLY A 75 -10.15 10.53 -22.49
CA GLY A 75 -10.26 11.72 -21.65
C GLY A 75 -10.13 11.44 -20.17
N ARG A 76 -9.61 10.28 -19.83
CA ARG A 76 -9.63 9.82 -18.46
C ARG A 76 -8.61 10.55 -17.57
N TYR A 77 -7.64 11.23 -18.16
CA TYR A 77 -6.66 11.96 -17.39
C TYR A 77 -7.24 13.28 -16.91
N ASP A 78 -8.19 13.84 -17.64
CA ASP A 78 -8.87 15.06 -17.22
C ASP A 78 -10.18 15.15 -18.00
N PRO A 79 -11.23 14.46 -17.51
CA PRO A 79 -12.51 14.34 -18.23
C PRO A 79 -13.11 15.68 -18.68
N SER A 80 -12.75 16.74 -17.97
CA SER A 80 -13.21 18.09 -18.23
CA SER A 80 -13.27 18.06 -18.27
C SER A 80 -12.54 18.74 -19.45
N VAL A 81 -11.41 18.16 -19.90
CA VAL A 81 -10.71 18.69 -21.08
C VAL A 81 -11.28 18.05 -22.35
N LYS A 82 -11.79 18.88 -23.25
CA LYS A 82 -12.48 18.38 -24.41
C LYS A 82 -11.56 18.39 -25.63
N PRO A 83 -11.82 17.49 -26.59
CA PRO A 83 -11.10 17.57 -27.84
C PRO A 83 -11.25 18.94 -28.49
N PRO A 84 -10.31 19.33 -29.36
CA PRO A 84 -9.12 18.56 -29.75
C PRO A 84 -7.94 18.72 -28.84
N PHE A 85 -7.18 17.64 -28.72
CA PHE A 85 -5.89 17.71 -28.09
C PHE A 85 -4.94 16.68 -28.66
N ASP A 86 -3.67 16.94 -28.42
CA ASP A 86 -2.57 16.19 -28.94
C ASP A 86 -2.41 14.92 -28.10
N ILE A 87 -1.63 13.94 -28.56
CA ILE A 87 -1.52 12.65 -27.94
C ILE A 87 -0.12 12.10 -28.20
N GLY A 88 0.21 11.08 -27.41
CA GLY A 88 1.50 10.35 -27.40
C GLY A 88 2.32 10.86 -26.23
N PHE A 89 2.94 9.98 -25.50
CA PHE A 89 3.54 10.32 -24.23
C PHE A 89 5.07 10.49 -24.26
N GLU A 90 5.73 10.08 -25.33
CA GLU A 90 7.20 9.96 -25.36
C GLU A 90 7.72 9.92 -26.80
N GLY A 91 8.91 10.46 -26.95
CA GLY A 91 9.54 10.57 -28.22
C GLY A 91 11.03 10.72 -28.08
N ILE A 92 11.71 10.50 -29.19
CA ILE A 92 13.16 10.66 -29.32
C ILE A 92 13.38 11.27 -30.73
N GLY A 93 14.32 12.21 -30.82
CA GLY A 93 14.72 12.67 -32.12
C GLY A 93 15.74 13.77 -32.01
N GLU A 94 15.84 14.55 -33.05
CA GLU A 94 16.84 15.64 -33.14
C GLU A 94 16.24 16.98 -32.82
N VAL A 95 17.01 17.81 -32.11
CA VAL A 95 16.65 19.24 -31.99
C VAL A 95 16.75 19.96 -33.33
N VAL A 96 15.65 20.54 -33.77
CA VAL A 96 15.63 21.31 -35.03
C VAL A 96 15.66 22.82 -34.82
N ALA A 97 15.11 23.25 -33.70
CA ALA A 97 15.17 24.62 -33.26
C ALA A 97 14.95 24.67 -31.76
N LEU A 98 15.29 25.81 -31.18
CA LEU A 98 15.16 26.01 -29.76
C LEU A 98 15.16 27.48 -29.40
N GLY A 99 14.62 27.77 -28.23
CA GLY A 99 14.69 29.12 -27.67
C GLY A 99 16.05 29.55 -27.18
N LEU A 100 16.19 30.85 -26.92
CA LEU A 100 17.48 31.38 -26.53
C LEU A 100 18.00 30.78 -25.22
N SER A 101 17.14 30.71 -24.22
CA SER A 101 17.52 30.15 -22.92
C SER A 101 17.91 28.70 -23.04
N ALA A 102 17.10 27.94 -23.78
CA ALA A 102 17.40 26.53 -24.08
C ALA A 102 18.76 26.32 -24.70
N SER A 103 19.22 27.27 -25.50
CA SER A 103 20.49 27.11 -26.19
C SER A 103 21.70 27.12 -25.27
N ALA A 104 21.50 27.55 -24.03
CA ALA A 104 22.55 27.53 -23.03
C ALA A 104 22.98 26.11 -22.78
N ARG A 105 22.04 25.16 -22.89
CA ARG A 105 22.32 23.79 -22.56
C ARG A 105 22.09 22.78 -23.69
N TYR A 106 21.32 23.19 -24.69
CA TYR A 106 20.95 22.34 -25.81
C TYR A 106 21.41 22.97 -27.14
N THR A 107 21.63 22.13 -28.15
CA THR A 107 22.07 22.57 -29.47
C THR A 107 21.27 21.99 -30.62
N VAL A 108 21.13 22.75 -31.69
CA VAL A 108 20.51 22.25 -32.88
C VAL A 108 21.22 21.00 -33.33
N GLY A 109 20.44 19.98 -33.66
CA GLY A 109 20.92 18.67 -34.06
C GLY A 109 21.20 17.65 -32.99
N GLN A 110 21.11 18.03 -31.73
CA GLN A 110 21.38 17.19 -30.63
C GLN A 110 20.29 16.14 -30.52
N ALA A 111 20.66 14.91 -30.16
CA ALA A 111 19.74 13.81 -29.90
C ALA A 111 19.15 13.97 -28.49
N VAL A 112 17.83 14.04 -28.43
CA VAL A 112 17.12 14.21 -27.14
C VAL A 112 15.93 13.25 -27.10
N ALA A 113 15.59 12.79 -25.91
CA ALA A 113 14.40 12.02 -25.67
C ALA A 113 13.59 12.76 -24.60
N TYR A 114 12.28 12.50 -24.57
CA TYR A 114 11.41 13.20 -23.64
C TYR A 114 10.14 12.42 -23.39
N MET A 115 9.54 12.73 -22.24
CA MET A 115 8.23 12.22 -21.85
C MET A 115 7.38 13.50 -21.66
N ALA A 116 6.46 13.75 -22.58
CA ALA A 116 5.54 14.87 -22.52
C ALA A 116 4.46 14.55 -23.54
N PRO A 117 3.23 14.97 -23.28
CA PRO A 117 2.14 14.65 -24.21
C PRO A 117 2.29 15.39 -25.54
N GLY A 118 1.88 14.75 -26.62
CA GLY A 118 1.91 15.31 -27.94
C GLY A 118 3.06 14.78 -28.77
N SER A 119 3.65 13.65 -28.39
CA SER A 119 4.73 13.11 -29.19
C SER A 119 4.27 12.51 -30.53
N PHE A 120 2.97 12.22 -30.70
CA PHE A 120 2.47 11.62 -31.93
C PHE A 120 2.28 12.75 -32.97
N ALA A 121 3.42 13.19 -33.47
CA ALA A 121 3.53 14.33 -34.38
C ALA A 121 4.89 14.26 -35.01
N GLU A 122 5.04 14.86 -36.17
CA GLU A 122 6.37 14.92 -36.77
C GLU A 122 7.27 15.81 -35.96
N TYR A 123 6.75 16.92 -35.45
CA TYR A 123 7.50 17.82 -34.61
C TYR A 123 6.73 18.12 -33.34
N THR A 124 7.44 18.20 -32.22
CA THR A 124 6.83 18.44 -30.91
C THR A 124 7.66 19.45 -30.14
N VAL A 125 7.01 20.46 -29.57
CA VAL A 125 7.67 21.37 -28.66
C VAL A 125 7.80 20.75 -27.27
N VAL A 126 9.05 20.76 -26.78
CA VAL A 126 9.39 20.16 -25.51
CA VAL A 126 9.47 20.10 -25.55
C VAL A 126 10.17 21.15 -24.66
N PRO A 127 9.71 21.36 -23.40
CA PRO A 127 10.48 22.24 -22.57
C PRO A 127 11.84 21.65 -22.33
N ALA A 128 12.88 22.47 -22.45
CA ALA A 128 14.23 21.97 -22.36
C ALA A 128 14.45 21.42 -20.99
N SER A 129 13.68 21.90 -20.01
CA SER A 129 13.79 21.42 -18.63
C SER A 129 13.47 19.94 -18.46
N ILE A 130 12.69 19.36 -19.36
CA ILE A 130 12.34 17.94 -19.25
C ILE A 130 13.02 17.06 -20.27
N ALA A 131 13.86 17.65 -21.12
CA ALA A 131 14.50 16.87 -22.15
C ALA A 131 15.60 16.03 -21.50
N THR A 132 15.83 14.82 -22.01
CA THR A 132 16.93 13.96 -21.62
C THR A 132 17.91 13.82 -22.80
N PRO A 133 19.16 14.27 -22.63
CA PRO A 133 20.16 14.03 -23.63
C PRO A 133 20.43 12.56 -23.75
N VAL A 134 20.51 12.06 -24.98
CA VAL A 134 20.77 10.65 -25.24
C VAL A 134 21.97 10.59 -26.19
N PRO A 135 22.68 9.44 -26.23
CA PRO A 135 23.87 9.31 -27.05
C PRO A 135 23.65 9.47 -28.53
N SER A 136 22.49 9.00 -28.98
CA SER A 136 22.07 9.08 -30.36
C SER A 136 20.58 8.77 -30.45
N VAL A 137 20.01 8.87 -31.64
CA VAL A 137 18.60 8.59 -31.83
C VAL A 137 18.40 7.13 -32.20
N LYS A 138 18.19 6.32 -31.18
CA LYS A 138 17.98 4.88 -31.31
C LYS A 138 16.79 4.47 -30.48
N PRO A 139 16.05 3.45 -30.95
CA PRO A 139 14.80 3.11 -30.28
C PRO A 139 14.99 2.48 -28.88
N GLU A 140 16.14 1.90 -28.64
CA GLU A 140 16.44 1.31 -27.35
C GLU A 140 16.40 2.38 -26.25
N TYR A 141 16.76 3.64 -26.58
CA TYR A 141 16.81 4.60 -25.54
C TYR A 141 15.40 5.10 -25.19
N LEU A 142 14.53 5.05 -26.17
CA LEU A 142 13.16 5.46 -25.95
C LEU A 142 12.48 4.49 -25.00
N THR A 143 12.85 3.20 -25.05
CA THR A 143 12.28 2.20 -24.16
C THR A 143 12.43 2.53 -22.66
N LEU A 144 13.45 3.29 -22.35
CA LEU A 144 13.74 3.66 -20.98
C LEU A 144 12.84 4.74 -20.41
N LEU A 145 12.25 5.57 -21.25
CA LEU A 145 11.71 6.88 -20.84
C LEU A 145 10.52 6.74 -19.91
N VAL A 146 9.63 5.83 -20.27
CA VAL A 146 8.41 5.48 -19.50
C VAL A 146 8.50 4.06 -18.95
N SER A 147 8.72 3.09 -19.82
CA SER A 147 8.76 1.69 -19.41
C SER A 147 9.88 1.34 -18.44
N GLY A 148 11.09 1.79 -18.73
CA GLY A 148 12.22 1.52 -17.89
C GLY A 148 12.11 2.23 -16.56
N THR A 149 11.83 3.54 -16.61
CA THR A 149 11.77 4.39 -15.44
C THR A 149 10.66 3.94 -14.51
N THR A 150 9.50 3.58 -15.07
CA THR A 150 8.44 3.02 -14.21
C THR A 150 8.89 1.82 -13.40
N ALA A 151 9.52 0.83 -14.04
CA ALA A 151 10.01 -0.36 -13.38
C ALA A 151 11.11 0.02 -12.35
N TYR A 152 12.06 0.85 -12.77
CA TYR A 152 13.18 1.25 -11.94
C TYR A 152 12.71 1.89 -10.65
N ILE A 153 11.94 2.95 -10.76
CA ILE A 153 11.57 3.82 -9.66
C ILE A 153 10.62 3.08 -8.74
N SER A 154 9.61 2.42 -9.29
CA SER A 154 8.66 1.71 -8.44
C SER A 154 9.33 0.60 -7.63
N LEU A 155 10.19 -0.19 -8.23
CA LEU A 155 10.89 -1.22 -7.50
C LEU A 155 11.86 -0.63 -6.48
N LYS A 156 12.60 0.42 -6.86
CA LYS A 156 13.59 1.02 -5.98
C LYS A 156 12.88 1.62 -4.80
N GLU A 157 11.88 2.42 -5.04
CA GLU A 157 11.21 3.13 -3.96
C GLU A 157 10.22 2.29 -3.17
N LEU A 158 9.61 1.27 -3.76
CA LEU A 158 8.47 0.63 -3.16
C LEU A 158 8.62 -0.88 -3.02
N GLY A 159 9.61 -1.47 -3.69
CA GLY A 159 9.67 -2.92 -3.75
C GLY A 159 10.29 -3.60 -2.56
N GLY A 160 11.19 -2.90 -1.90
CA GLY A 160 11.96 -3.46 -0.81
C GLY A 160 12.67 -4.72 -1.24
N LEU A 161 13.25 -4.72 -2.43
CA LEU A 161 13.84 -5.94 -2.95
C LEU A 161 15.15 -6.29 -2.26
N SER A 162 15.41 -7.58 -2.17
CA SER A 162 16.66 -8.07 -1.61
C SER A 162 16.82 -9.50 -2.00
N GLU A 163 18.05 -9.97 -1.89
CA GLU A 163 18.37 -11.29 -2.33
C GLU A 163 17.41 -12.34 -1.79
N GLY A 164 16.88 -13.16 -2.67
CA GLY A 164 16.05 -14.27 -2.31
C GLY A 164 14.56 -13.99 -2.28
N LYS A 165 14.16 -12.74 -2.31
CA LYS A 165 12.74 -12.45 -2.33
C LYS A 165 12.14 -12.98 -3.62
N LYS A 166 10.85 -13.26 -3.60
CA LYS A 166 10.17 -13.77 -4.78
C LYS A 166 9.29 -12.66 -5.33
N VAL A 167 9.41 -12.41 -6.65
CA VAL A 167 8.73 -11.33 -7.36
C VAL A 167 7.95 -11.91 -8.52
N LEU A 168 6.66 -11.60 -8.58
CA LEU A 168 5.79 -11.94 -9.71
C LEU A 168 5.55 -10.68 -10.55
N VAL A 169 5.90 -10.79 -11.83
CA VAL A 169 5.68 -9.76 -12.81
C VAL A 169 4.62 -10.14 -13.85
N THR A 170 3.53 -9.41 -13.94
CA THR A 170 2.54 -9.63 -14.97
C THR A 170 2.84 -8.80 -16.22
N ALA A 171 2.30 -9.19 -17.38
CA ALA A 171 2.72 -8.68 -18.69
C ALA A 171 4.23 -8.55 -18.77
N ALA A 172 4.90 -9.61 -18.34
CA ALA A 172 6.32 -9.57 -18.11
C ALA A 172 7.13 -9.43 -19.37
N ALA A 173 6.58 -9.90 -20.50
CA ALA A 173 7.26 -9.78 -21.82
C ALA A 173 6.96 -8.47 -22.54
N GLY A 174 6.29 -7.49 -21.91
CA GLY A 174 5.88 -6.24 -22.52
C GLY A 174 6.87 -5.15 -22.20
N GLY A 175 6.49 -3.93 -22.53
CA GLY A 175 7.42 -2.82 -22.51
C GLY A 175 8.03 -2.52 -21.17
N THR A 176 7.18 -2.32 -20.18
CA THR A 176 7.66 -2.18 -18.76
C THR A 176 8.00 -3.50 -18.05
N GLY A 177 7.26 -4.57 -18.31
CA GLY A 177 7.46 -5.88 -17.70
C GLY A 177 8.88 -6.37 -17.90
N GLN A 178 9.46 -6.18 -19.09
CA GLN A 178 10.82 -6.65 -19.36
C GLN A 178 11.85 -6.06 -18.39
N PHE A 179 11.60 -4.84 -17.98
CA PHE A 179 12.50 -4.18 -17.07
C PHE A 179 12.23 -4.53 -15.61
N ALA A 180 10.97 -4.66 -15.22
CA ALA A 180 10.66 -5.18 -13.89
C ALA A 180 11.34 -6.53 -13.69
N MET A 181 11.26 -7.39 -14.71
CA MET A 181 11.93 -8.70 -14.71
C MET A 181 13.43 -8.54 -14.46
N GLN A 182 14.12 -7.83 -15.34
CA GLN A 182 15.56 -7.68 -15.28
C GLN A 182 16.07 -6.98 -14.04
N LEU A 183 15.42 -5.93 -13.63
CA LEU A 183 15.81 -5.22 -12.44
C LEU A 183 15.61 -6.02 -11.17
N SER A 184 14.58 -6.86 -11.11
CA SER A 184 14.42 -7.75 -9.97
C SER A 184 15.50 -8.80 -9.95
N LYS A 185 15.82 -9.37 -11.12
CA LYS A 185 16.92 -10.32 -11.20
C LYS A 185 18.21 -9.71 -10.76
N LYS A 186 18.45 -8.46 -11.09
CA LYS A 186 19.69 -7.82 -10.71
C LYS A 186 19.77 -7.62 -9.20
N ALA A 187 18.61 -7.54 -8.53
CA ALA A 187 18.55 -7.43 -7.09
C ALA A 187 18.63 -8.82 -6.45
N LYS A 188 18.82 -9.85 -7.25
CA LYS A 188 19.02 -11.22 -6.78
C LYS A 188 17.73 -11.81 -6.27
N CYS A 189 16.62 -11.38 -6.85
CA CYS A 189 15.34 -11.98 -6.55
C CYS A 189 15.05 -13.17 -7.43
N HIS A 190 14.20 -14.07 -6.91
CA HIS A 190 13.61 -15.09 -7.71
C HIS A 190 12.38 -14.54 -8.42
N VAL A 191 12.35 -14.60 -9.77
CA VAL A 191 11.34 -13.90 -10.58
C VAL A 191 10.48 -14.84 -11.38
N ILE A 192 9.17 -14.65 -11.23
CA ILE A 192 8.10 -15.38 -11.91
C ILE A 192 7.50 -14.36 -12.90
N GLY A 193 7.29 -14.69 -14.16
CA GLY A 193 6.64 -13.80 -15.09
C GLY A 193 5.52 -14.42 -15.87
N THR A 194 4.45 -13.69 -16.11
CA THR A 194 3.33 -14.14 -16.90
C THR A 194 3.35 -13.56 -18.30
N CYS A 195 2.91 -14.32 -19.28
CA CYS A 195 2.79 -13.91 -20.65
C CYS A 195 1.81 -14.89 -21.35
N SER A 196 1.51 -14.64 -22.60
CA SER A 196 0.41 -15.30 -23.32
C SER A 196 0.87 -16.26 -24.42
N SER A 197 2.15 -16.59 -24.50
CA SER A 197 2.63 -17.45 -25.59
C SER A 197 3.95 -18.07 -25.26
N ASP A 198 4.26 -19.19 -25.92
CA ASP A 198 5.47 -19.89 -25.62
C ASP A 198 6.70 -19.14 -26.08
N GLU A 199 6.58 -18.35 -27.14
CA GLU A 199 7.69 -17.57 -27.63
C GLU A 199 7.98 -16.39 -26.69
N LYS A 200 6.92 -15.84 -26.09
CA LYS A 200 7.11 -14.89 -25.01
C LYS A 200 7.80 -15.57 -23.82
N SER A 201 7.43 -16.80 -23.49
CA SER A 201 8.08 -17.47 -22.38
C SER A 201 9.55 -17.65 -22.66
N ALA A 202 9.89 -18.00 -23.91
CA ALA A 202 11.30 -18.09 -24.27
C ALA A 202 12.03 -16.76 -24.07
N PHE A 203 11.38 -15.68 -24.48
CA PHE A 203 11.97 -14.36 -24.24
C PHE A 203 12.26 -14.13 -22.74
N LEU A 204 11.29 -14.46 -21.91
CA LEU A 204 11.43 -14.29 -20.47
C LEU A 204 12.57 -15.11 -19.92
N LYS A 205 12.67 -16.36 -20.38
CA LYS A 205 13.77 -17.23 -20.00
C LYS A 205 15.11 -16.61 -20.37
N SER A 206 15.19 -15.97 -21.53
CA SER A 206 16.41 -15.25 -21.95
C SER A 206 16.77 -14.02 -21.10
N LEU A 207 15.80 -13.48 -20.37
CA LEU A 207 16.03 -12.37 -19.46
C LEU A 207 16.32 -12.86 -18.03
N GLY A 208 16.32 -14.16 -17.79
CA GLY A 208 16.65 -14.67 -16.47
C GLY A 208 15.45 -15.08 -15.64
N CYS A 209 14.27 -15.06 -16.24
CA CYS A 209 13.09 -15.42 -15.51
C CYS A 209 13.24 -16.82 -14.97
N ASP A 210 13.00 -17.01 -13.67
CA ASP A 210 13.11 -18.31 -13.04
C ASP A 210 11.89 -19.17 -13.33
N ARG A 211 10.74 -18.56 -13.60
CA ARG A 211 9.50 -19.30 -13.81
C ARG A 211 8.58 -18.52 -14.73
N PRO A 212 8.83 -18.63 -16.05
CA PRO A 212 7.86 -18.10 -16.97
C PRO A 212 6.59 -18.87 -16.87
N ILE A 213 5.46 -18.21 -17.02
CA ILE A 213 4.16 -18.82 -17.07
C ILE A 213 3.35 -18.31 -18.25
N ASN A 214 3.04 -19.22 -19.19
CA ASN A 214 2.07 -18.96 -20.25
C ASN A 214 0.68 -19.19 -19.68
N TYR A 215 0.00 -18.12 -19.29
CA TYR A 215 -1.29 -18.23 -18.67
C TYR A 215 -2.41 -18.78 -19.55
N LYS A 216 -2.19 -18.76 -20.86
CA LYS A 216 -3.14 -19.31 -21.79
C LYS A 216 -3.15 -20.84 -21.70
N THR A 217 -2.01 -21.42 -21.35
CA THR A 217 -1.91 -22.87 -21.27
C THR A 217 -1.66 -23.41 -19.89
N GLU A 218 -1.26 -22.57 -18.94
CA GLU A 218 -1.14 -23.07 -17.60
C GLU A 218 -1.65 -22.04 -16.60
N PRO A 219 -2.72 -22.38 -15.87
CA PRO A 219 -3.35 -21.49 -14.92
C PRO A 219 -2.39 -20.93 -13.90
N VAL A 220 -2.39 -19.62 -13.75
CA VAL A 220 -1.41 -18.97 -12.90
C VAL A 220 -1.64 -19.30 -11.43
N GLY A 221 -2.89 -19.28 -10.98
CA GLY A 221 -3.23 -19.54 -9.58
C GLY A 221 -2.72 -20.88 -9.11
N THR A 222 -2.97 -21.89 -9.94
CA THR A 222 -2.49 -23.22 -9.65
C THR A 222 -0.98 -23.27 -9.50
N VAL A 223 -0.25 -22.68 -10.45
CA VAL A 223 1.20 -22.66 -10.37
C VAL A 223 1.63 -22.02 -9.06
N LEU A 224 1.00 -20.93 -8.71
CA LEU A 224 1.40 -20.19 -7.52
C LEU A 224 1.13 -20.99 -6.25
N LYS A 225 -0.05 -21.61 -6.18
CA LYS A 225 -0.40 -22.49 -5.04
C LYS A 225 0.55 -23.66 -4.85
N GLN A 226 0.93 -24.27 -5.96
CA GLN A 226 1.71 -25.49 -5.96
C GLN A 226 3.20 -25.20 -5.82
N GLU A 227 3.71 -24.20 -6.51
CA GLU A 227 5.13 -23.94 -6.53
C GLU A 227 5.59 -22.89 -5.55
N TYR A 228 4.64 -22.08 -5.06
CA TYR A 228 4.91 -20.96 -4.15
C TYR A 228 3.88 -20.95 -3.05
N PRO A 229 3.79 -22.04 -2.29
CA PRO A 229 2.73 -22.13 -1.27
C PRO A 229 2.83 -21.08 -0.16
N GLU A 230 4.04 -20.61 0.12
CA GLU A 230 4.28 -19.57 1.12
C GLU A 230 4.19 -18.18 0.51
N GLY A 231 3.92 -18.14 -0.77
CA GLY A 231 3.60 -16.91 -1.43
C GLY A 231 4.78 -16.13 -1.97
N VAL A 232 4.47 -14.98 -2.54
CA VAL A 232 5.45 -14.10 -3.16
C VAL A 232 5.56 -12.78 -2.43
N ASP A 233 6.74 -12.20 -2.46
CA ASP A 233 7.03 -11.00 -1.68
C ASP A 233 6.58 -9.72 -2.34
N VAL A 234 6.68 -9.69 -3.65
CA VAL A 234 6.32 -8.50 -4.40
C VAL A 234 5.61 -8.94 -5.67
N VAL A 235 4.57 -8.21 -6.04
CA VAL A 235 3.92 -8.40 -7.29
C VAL A 235 3.96 -7.11 -8.08
N TYR A 236 4.49 -7.16 -9.32
CA TYR A 236 4.47 -5.97 -10.21
C TYR A 236 3.26 -6.20 -11.10
N GLU A 237 2.14 -5.58 -10.70
CA GLU A 237 0.82 -5.94 -11.24
C GLU A 237 0.36 -4.90 -12.22
N SER A 238 0.24 -5.25 -13.47
CA SER A 238 -0.17 -4.32 -14.46
C SER A 238 -1.38 -4.77 -15.29
N VAL A 239 -1.97 -5.91 -14.95
CA VAL A 239 -3.10 -6.49 -15.71
C VAL A 239 -4.49 -6.23 -15.11
N GLY A 240 -4.63 -6.35 -13.78
CA GLY A 240 -5.93 -6.04 -13.19
C GLY A 240 -6.85 -7.24 -13.21
N GLY A 241 -8.08 -7.03 -12.76
CA GLY A 241 -9.11 -8.04 -12.81
C GLY A 241 -8.75 -9.28 -12.07
N ALA A 242 -9.00 -10.39 -12.72
CA ALA A 242 -8.82 -11.67 -12.09
C ALA A 242 -7.36 -11.91 -11.76
N MET A 243 -6.44 -11.33 -12.52
CA MET A 243 -5.02 -11.42 -12.20
C MET A 243 -4.67 -10.65 -10.89
N PHE A 244 -5.25 -9.49 -10.66
CA PHE A 244 -5.10 -8.77 -9.42
C PHE A 244 -5.56 -9.63 -8.23
N ASP A 245 -6.72 -10.27 -8.39
CA ASP A 245 -7.30 -11.12 -7.36
C ASP A 245 -6.38 -12.29 -7.02
N LEU A 246 -5.82 -12.96 -8.01
CA LEU A 246 -4.85 -14.05 -7.77
CA LEU A 246 -4.92 -14.07 -7.70
C LEU A 246 -3.61 -13.56 -7.10
N ALA A 247 -3.15 -12.38 -7.51
CA ALA A 247 -1.95 -11.77 -6.92
C ALA A 247 -2.13 -11.50 -5.43
N VAL A 248 -3.29 -11.02 -5.03
CA VAL A 248 -3.56 -10.73 -3.64
C VAL A 248 -3.50 -12.03 -2.82
N ASP A 249 -4.15 -13.07 -3.36
CA ASP A 249 -4.13 -14.38 -2.71
C ASP A 249 -2.74 -15.01 -2.60
N ALA A 250 -1.86 -14.71 -3.54
CA ALA A 250 -0.52 -15.23 -3.60
C ALA A 250 0.47 -14.46 -2.78
N LEU A 251 0.05 -13.39 -2.10
CA LEU A 251 1.00 -12.64 -1.28
C LEU A 251 1.45 -13.48 -0.09
N ALA A 252 2.74 -13.44 0.14
CA ALA A 252 3.33 -13.84 1.37
C ALA A 252 3.00 -12.85 2.50
N THR A 253 3.29 -13.26 3.72
CA THR A 253 3.30 -12.40 4.86
C THR A 253 4.22 -11.25 4.55
N LYS A 254 3.73 -10.04 4.78
CA LYS A 254 4.43 -8.76 4.52
C LYS A 254 4.59 -8.47 3.01
N GLY A 255 3.89 -9.23 2.18
CA GLY A 255 3.91 -9.12 0.75
C GLY A 255 3.42 -7.73 0.35
N ARG A 256 3.88 -7.31 -0.83
CA ARG A 256 3.37 -6.10 -1.43
C ARG A 256 2.98 -6.29 -2.90
N LEU A 257 1.76 -5.88 -3.19
CA LEU A 257 1.25 -5.79 -4.57
C LEU A 257 1.36 -4.35 -5.05
N ILE A 258 2.21 -4.12 -6.07
CA ILE A 258 2.35 -2.82 -6.69
C ILE A 258 1.42 -2.75 -7.87
N VAL A 259 0.48 -1.81 -7.78
CA VAL A 259 -0.47 -1.52 -8.83
C VAL A 259 0.15 -0.51 -9.76
N ILE A 260 0.62 -1.06 -10.87
CA ILE A 260 1.24 -0.36 -12.01
C ILE A 260 0.21 -0.04 -13.04
N GLY A 261 -0.77 -0.88 -13.27
CA GLY A 261 -1.87 -0.55 -14.19
C GLY A 261 -2.87 -1.69 -14.13
N PHE A 262 -3.83 -1.69 -15.02
CA PHE A 262 -4.81 -2.72 -15.13
C PHE A 262 -5.32 -2.73 -16.56
N ILE A 263 -4.46 -3.18 -17.48
CA ILE A 263 -4.74 -3.11 -18.92
C ILE A 263 -5.99 -3.89 -19.34
N SER A 264 -6.33 -4.95 -18.60
CA SER A 264 -7.54 -5.74 -18.84
C SER A 264 -8.80 -4.92 -18.83
N GLY A 265 -8.76 -3.76 -18.18
CA GLY A 265 -9.91 -2.83 -18.16
C GLY A 265 -9.98 -1.63 -19.10
N TYR A 266 -8.86 -1.19 -19.71
CA TYR A 266 -8.78 0.09 -20.39
C TYR A 266 -9.73 0.15 -21.56
N GLN A 267 -10.00 -0.94 -22.27
CA GLN A 267 -10.90 -0.90 -23.44
C GLN A 267 -12.38 -0.84 -23.06
N THR A 268 -12.70 -1.08 -21.79
CA THR A 268 -14.07 -1.10 -21.30
C THR A 268 -14.56 0.35 -21.15
N PRO A 269 -15.89 0.57 -21.11
CA PRO A 269 -16.37 1.92 -21.04
C PRO A 269 -15.85 2.71 -19.87
N THR A 270 -15.77 2.15 -18.66
CA THR A 270 -15.27 2.89 -17.52
C THR A 270 -13.75 2.89 -17.49
N GLY A 271 -13.14 1.93 -18.16
CA GLY A 271 -11.70 1.75 -18.08
C GLY A 271 -11.18 0.91 -16.94
N LEU A 272 -12.09 0.45 -16.08
CA LEU A 272 -11.70 -0.35 -14.92
C LEU A 272 -11.90 -1.83 -15.15
N SER A 273 -11.18 -2.64 -14.42
CA SER A 273 -11.39 -4.07 -14.43
C SER A 273 -11.95 -4.44 -13.06
N PRO A 274 -13.10 -5.08 -13.03
CA PRO A 274 -13.61 -5.44 -11.71
C PRO A 274 -12.73 -6.40 -10.93
N VAL A 275 -12.69 -6.18 -9.62
CA VAL A 275 -11.92 -7.03 -8.69
C VAL A 275 -12.76 -7.39 -7.46
N LYS A 276 -12.36 -8.46 -6.79
CA LYS A 276 -12.87 -8.84 -5.46
C LYS A 276 -12.29 -7.98 -4.36
N ALA A 277 -12.94 -6.89 -4.04
CA ALA A 277 -12.40 -5.95 -3.09
C ALA A 277 -13.04 -6.08 -1.72
N GLY A 278 -14.22 -6.68 -1.65
CA GLY A 278 -14.96 -6.68 -0.41
C GLY A 278 -14.16 -7.14 0.80
N THR A 279 -13.38 -8.18 0.63
CA THR A 279 -12.64 -8.74 1.74
C THR A 279 -11.15 -8.30 1.69
N LEU A 280 -10.83 -7.35 0.85
CA LEU A 280 -9.46 -6.99 0.70
C LEU A 280 -8.84 -6.43 1.97
N PRO A 281 -9.50 -5.46 2.67
CA PRO A 281 -8.87 -5.02 3.94
C PRO A 281 -8.55 -6.12 4.93
N ALA A 282 -9.46 -7.05 5.08
CA ALA A 282 -9.27 -8.21 5.93
C ALA A 282 -8.14 -9.15 5.47
N LYS A 283 -8.07 -9.44 4.19
CA LYS A 283 -6.93 -10.16 3.62
C LYS A 283 -5.59 -9.47 3.87
N LEU A 284 -5.53 -8.17 3.69
CA LEU A 284 -4.28 -7.41 3.85
C LEU A 284 -3.87 -7.38 5.34
N LEU A 285 -4.81 -7.14 6.24
CA LEU A 285 -4.54 -7.19 7.65
C LEU A 285 -3.99 -8.56 8.05
N LYS A 286 -4.65 -9.61 7.60
CA LYS A 286 -4.30 -10.95 8.05
C LYS A 286 -2.90 -11.43 7.58
N LYS A 287 -2.38 -10.83 6.53
CA LYS A 287 -1.04 -11.07 6.05
C LYS A 287 -0.03 -9.96 6.31
N SER A 288 -0.43 -8.92 7.03
CA SER A 288 0.37 -7.71 7.11
C SER A 288 0.88 -7.25 5.73
N ALA A 289 0.00 -7.32 4.73
CA ALA A 289 0.38 -7.11 3.33
C ALA A 289 -0.17 -5.80 2.85
N SER A 290 0.33 -5.35 1.71
CA SER A 290 -0.08 -4.07 1.13
C SER A 290 -0.44 -4.16 -0.33
N VAL A 291 -1.27 -3.20 -0.75
CA VAL A 291 -1.50 -2.85 -2.11
C VAL A 291 -1.08 -1.41 -2.25
N GLN A 292 -0.17 -1.21 -3.18
CA GLN A 292 0.53 -0.01 -3.33
C GLN A 292 0.44 0.48 -4.76
N GLY A 293 -0.19 1.65 -4.96
CA GLY A 293 -0.35 2.30 -6.28
C GLY A 293 0.95 2.98 -6.67
N PHE A 294 1.24 3.09 -7.97
CA PHE A 294 2.39 3.83 -8.44
C PHE A 294 2.02 4.60 -9.72
N PHE A 295 2.22 5.89 -9.73
CA PHE A 295 2.00 6.74 -10.88
C PHE A 295 3.29 7.49 -11.13
N LEU A 296 3.91 7.20 -12.26
CA LEU A 296 5.26 7.76 -12.56
C LEU A 296 5.37 9.26 -12.34
N ASN A 297 4.35 10.00 -12.77
CA ASN A 297 4.39 11.44 -12.63
C ASN A 297 4.43 11.99 -11.22
N HIS A 298 4.16 11.18 -10.23
CA HIS A 298 4.35 11.52 -8.83
C HIS A 298 5.75 11.34 -8.32
N TYR A 299 6.64 10.82 -9.15
CA TYR A 299 7.98 10.49 -8.77
C TYR A 299 9.06 11.14 -9.63
N LEU A 300 8.75 12.32 -10.15
CA LEU A 300 9.63 13.00 -11.07
C LEU A 300 10.90 13.51 -10.42
N SER A 301 10.92 13.59 -9.10
CA SER A 301 12.14 13.90 -8.36
C SER A 301 13.18 12.80 -8.47
N LYS A 302 12.74 11.60 -8.88
CA LYS A 302 13.63 10.46 -8.97
C LYS A 302 13.98 10.15 -10.43
N TYR A 303 13.38 10.89 -11.35
CA TYR A 303 13.34 10.54 -12.78
C TYR A 303 14.71 10.70 -13.42
N GLN A 304 15.33 11.85 -13.24
CA GLN A 304 16.60 12.11 -13.91
C GLN A 304 17.65 11.08 -13.49
N ALA A 305 17.77 10.82 -12.20
CA ALA A 305 18.69 9.77 -11.71
C ALA A 305 18.43 8.38 -12.30
N ALA A 306 17.17 8.01 -12.29
CA ALA A 306 16.76 6.75 -12.87
C ALA A 306 17.20 6.59 -14.32
N MET A 307 16.85 7.60 -15.10
CA MET A 307 17.12 7.65 -16.50
C MET A 307 18.63 7.55 -16.79
N SER A 308 19.41 8.24 -15.99
CA SER A 308 20.84 8.21 -16.15
C SER A 308 21.39 6.83 -15.86
N HIS A 309 20.90 6.15 -14.83
CA HIS A 309 21.40 4.82 -14.52
C HIS A 309 20.98 3.82 -15.57
N LEU A 310 19.72 3.94 -16.01
CA LEU A 310 19.21 3.07 -17.05
C LEU A 310 19.99 3.25 -18.34
N LEU A 311 20.24 4.49 -18.70
CA LEU A 311 21.03 4.73 -19.90
C LEU A 311 22.42 4.11 -19.84
N GLU A 312 23.07 4.14 -18.69
CA GLU A 312 24.38 3.55 -18.51
C GLU A 312 24.32 2.03 -18.65
N MET A 313 23.30 1.45 -18.07
CA MET A 313 23.11 -0.01 -18.20
C MET A 313 22.82 -0.43 -19.65
N CYS A 314 22.02 0.36 -20.33
CA CYS A 314 21.70 0.09 -21.73
C CYS A 314 22.95 0.19 -22.58
N VAL A 315 23.73 1.27 -22.47
CA VAL A 315 24.87 1.46 -23.38
C VAL A 315 25.97 0.46 -23.09
N SER A 316 26.05 0.06 -21.82
CA SER A 316 27.09 -0.88 -21.39
CA SER A 316 27.06 -0.90 -21.35
C SER A 316 26.77 -2.34 -21.72
N GLY A 317 25.56 -2.61 -22.19
CA GLY A 317 25.15 -3.95 -22.47
C GLY A 317 24.63 -4.72 -21.28
N ASP A 318 24.29 -4.04 -20.19
CA ASP A 318 23.87 -4.70 -18.98
C ASP A 318 22.36 -4.66 -18.81
N LEU A 319 21.64 -4.26 -19.83
CA LEU A 319 20.20 -4.23 -19.77
C LEU A 319 19.68 -4.50 -21.17
N VAL A 320 18.88 -5.55 -21.32
CA VAL A 320 18.19 -5.82 -22.55
C VAL A 320 17.01 -4.86 -22.67
N CYS A 321 16.98 -4.09 -23.78
CA CYS A 321 15.91 -3.15 -24.08
C CYS A 321 15.23 -3.59 -25.39
N GLU A 322 14.33 -4.57 -25.25
CA GLU A 322 13.68 -5.13 -26.40
C GLU A 322 12.69 -4.16 -27.01
N VAL A 323 12.81 -3.97 -28.33
CA VAL A 323 12.01 -3.10 -29.13
C VAL A 323 11.19 -3.92 -30.12
N ASP A 324 9.90 -3.64 -30.19
CA ASP A 324 9.01 -4.22 -31.19
C ASP A 324 8.60 -3.15 -32.18
N LEU A 325 9.21 -3.19 -33.36
CA LEU A 325 8.93 -2.21 -34.39
C LEU A 325 7.87 -2.74 -35.34
N GLY A 326 7.23 -3.84 -35.00
CA GLY A 326 6.06 -4.31 -35.73
C GLY A 326 6.36 -5.06 -36.99
N ASP A 327 7.60 -5.48 -37.18
CA ASP A 327 7.99 -6.22 -38.36
C ASP A 327 7.11 -7.48 -38.51
N LEU A 328 6.67 -8.06 -37.41
CA LEU A 328 5.86 -9.29 -37.47
C LEU A 328 4.36 -9.05 -37.38
N SER A 329 3.94 -7.78 -37.36
CA SER A 329 2.53 -7.42 -37.32
C SER A 329 1.88 -7.72 -38.65
N PRO A 330 0.53 -7.76 -38.67
CA PRO A 330 -0.15 -8.08 -39.93
C PRO A 330 0.23 -7.24 -41.15
N GLU A 331 0.36 -5.93 -41.02
CA GLU A 331 0.75 -5.11 -42.13
C GLU A 331 2.20 -4.61 -42.01
N GLY A 332 2.97 -5.29 -41.18
CA GLY A 332 4.41 -5.10 -41.12
C GLY A 332 4.90 -3.89 -40.34
N ARG A 333 6.17 -3.62 -40.53
CA ARG A 333 6.88 -2.60 -39.74
C ARG A 333 6.10 -1.32 -39.50
N PHE A 334 6.10 -0.86 -38.27
CA PHE A 334 5.40 0.36 -37.89
C PHE A 334 6.11 1.62 -38.31
N THR A 335 5.87 2.04 -39.54
CA THR A 335 6.46 3.21 -40.11
C THR A 335 5.39 4.27 -40.38
N GLY A 336 5.67 5.47 -39.90
CA GLY A 336 4.76 6.62 -40.10
C GLY A 336 3.72 6.74 -39.00
N LEU A 337 3.17 7.94 -38.83
CA LEU A 337 2.14 8.18 -37.83
C LEU A 337 0.89 7.35 -38.04
N GLU A 338 0.63 6.96 -39.29
CA GLU A 338 -0.53 6.16 -39.67
CA GLU A 338 -0.55 6.18 -39.62
C GLU A 338 -0.45 4.78 -39.04
N SER A 339 0.77 4.33 -38.83
CA SER A 339 1.00 3.00 -38.24
C SER A 339 0.64 2.94 -36.74
N ILE A 340 0.48 4.09 -36.08
CA ILE A 340 0.16 4.11 -34.65
C ILE A 340 -1.14 3.36 -34.41
N PHE A 341 -2.10 3.49 -35.31
CA PHE A 341 -3.38 2.77 -35.15
C PHE A 341 -3.21 1.28 -35.06
N ARG A 342 -2.47 0.77 -36.03
CA ARG A 342 -2.08 -0.63 -36.09
C ARG A 342 -1.29 -1.10 -34.86
N ALA A 343 -0.40 -0.25 -34.39
CA ALA A 343 0.46 -0.62 -33.27
C ALA A 343 -0.33 -0.75 -31.97
N VAL A 344 -1.26 0.16 -31.75
CA VAL A 344 -2.18 0.06 -30.60
C VAL A 344 -3.02 -1.22 -30.69
N ASN A 345 -3.55 -1.53 -31.87
CA ASN A 345 -4.21 -2.82 -32.06
C ASN A 345 -3.34 -4.00 -31.68
N TYR A 346 -2.09 -3.93 -32.11
CA TYR A 346 -1.12 -5.00 -31.86
C TYR A 346 -0.95 -5.25 -30.35
N MET A 347 -0.84 -4.16 -29.59
CA MET A 347 -0.70 -4.19 -28.16
C MET A 347 -1.88 -4.89 -27.54
N TYR A 348 -3.08 -4.50 -27.93
CA TYR A 348 -4.34 -5.00 -27.38
C TYR A 348 -4.75 -6.38 -27.88
N MET A 349 -4.08 -6.86 -28.92
CA MET A 349 -4.11 -8.29 -29.28
C MET A 349 -3.07 -9.12 -28.53
N GLY A 350 -2.24 -8.49 -27.72
CA GLY A 350 -1.21 -9.14 -26.94
C GLY A 350 -0.07 -9.74 -27.73
N LYS A 351 0.27 -9.18 -28.87
CA LYS A 351 1.23 -9.80 -29.77
C LYS A 351 2.66 -9.33 -29.63
N ASN A 352 2.86 -8.20 -28.95
CA ASN A 352 4.21 -7.64 -28.79
C ASN A 352 5.10 -8.36 -27.79
N THR A 353 6.37 -8.42 -28.10
CA THR A 353 7.43 -8.77 -27.19
C THR A 353 8.34 -7.54 -27.06
N GLY A 354 8.45 -7.03 -25.84
CA GLY A 354 9.10 -5.76 -25.57
C GLY A 354 8.27 -4.56 -25.90
N LYS A 355 8.97 -3.47 -26.01
CA LYS A 355 8.32 -2.20 -26.15
C LYS A 355 7.90 -1.87 -27.58
N ILE A 356 6.63 -1.56 -27.77
CA ILE A 356 6.16 -1.07 -29.10
C ILE A 356 6.64 0.29 -29.43
N VAL A 357 7.31 0.38 -30.57
CA VAL A 357 7.85 1.62 -31.05
C VAL A 357 7.49 1.79 -32.50
N VAL A 358 7.10 3.02 -32.84
CA VAL A 358 6.81 3.54 -34.20
C VAL A 358 7.93 4.43 -34.72
N GLU A 359 8.46 4.13 -35.91
CA GLU A 359 9.51 4.92 -36.54
C GLU A 359 8.92 5.94 -37.46
N LEU A 360 9.58 7.09 -37.48
CA LEU A 360 9.23 8.23 -38.32
C LEU A 360 10.50 8.64 -39.08
N PRO A 361 10.95 7.79 -40.02
CA PRO A 361 12.28 7.94 -40.60
C PRO A 361 12.38 9.05 -41.62
N HIS A 362 13.63 9.42 -41.93
CA HIS A 362 13.98 10.28 -43.08
C HIS A 362 13.57 9.56 -44.37
N GLN B 21 -4.01 -21.12 46.26
CA GLN B 21 -5.47 -21.35 45.96
C GLN B 21 -5.61 -22.73 45.31
N SER B 22 -6.74 -23.41 45.52
CA SER B 22 -6.98 -24.67 44.79
C SER B 22 -8.03 -24.55 43.68
N MET B 23 -9.12 -23.83 43.93
CA MET B 23 -10.13 -23.55 42.89
C MET B 23 -10.24 -22.05 42.57
N MET B 24 -10.53 -21.74 41.30
CA MET B 24 -10.64 -20.36 40.83
C MET B 24 -11.76 -20.17 39.81
N GLN B 25 -12.04 -18.91 39.56
CA GLN B 25 -12.85 -18.45 38.45
C GLN B 25 -12.00 -18.28 37.16
N LYS B 26 -12.59 -18.66 36.03
CA LYS B 26 -12.03 -18.34 34.73
C LYS B 26 -13.17 -18.22 33.75
N LEU B 27 -12.97 -17.39 32.76
CA LEU B 27 -13.85 -17.32 31.57
C LEU B 27 -13.40 -18.35 30.52
N VAL B 28 -14.35 -19.04 29.93
CA VAL B 28 -14.07 -20.05 28.94
C VAL B 28 -14.97 -19.78 27.75
N VAL B 29 -14.41 -19.92 26.55
CA VAL B 29 -15.24 -19.91 25.33
C VAL B 29 -15.78 -21.32 25.22
N THR B 30 -17.07 -21.45 25.48
CA THR B 30 -17.75 -22.71 25.41
C THR B 30 -18.48 -22.92 24.08
N ARG B 31 -18.82 -21.85 23.38
CA ARG B 31 -19.40 -21.85 22.03
C ARG B 31 -18.86 -20.73 21.20
N LEU B 32 -18.74 -20.96 19.90
CA LEU B 32 -18.22 -19.92 19.00
C LEU B 32 -19.26 -18.91 18.64
N SER B 33 -18.99 -17.68 19.00
CA SER B 33 -19.81 -16.57 18.58
C SER B 33 -19.10 -15.20 18.75
N PRO B 34 -19.37 -14.20 17.87
CA PRO B 34 -18.88 -12.87 18.16
C PRO B 34 -19.68 -12.12 19.22
N ASN B 35 -20.77 -12.75 19.69
CA ASN B 35 -21.55 -12.24 20.79
C ASN B 35 -20.88 -12.79 22.03
N PHE B 36 -20.15 -11.97 22.73
CA PHE B 36 -19.26 -12.42 23.80
C PHE B 36 -20.05 -13.07 24.94
N ARG B 37 -21.19 -12.48 25.29
CA ARG B 37 -22.05 -13.02 26.35
C ARG B 37 -22.57 -14.43 26.00
N GLU B 38 -22.89 -14.64 24.73
CA GLU B 38 -23.35 -15.95 24.31
C GLU B 38 -22.21 -16.93 24.15
N ALA B 39 -21.01 -16.49 23.82
CA ALA B 39 -19.88 -17.38 23.63
C ALA B 39 -19.16 -17.83 24.87
N VAL B 40 -19.12 -16.96 25.86
CA VAL B 40 -18.20 -17.12 26.97
C VAL B 40 -18.93 -17.33 28.27
N THR B 41 -18.48 -18.29 29.04
CA THR B 41 -19.08 -18.66 30.28
C THR B 41 -18.10 -18.44 31.41
N LEU B 42 -18.61 -17.98 32.54
CA LEU B 42 -17.82 -17.89 33.76
C LEU B 42 -17.95 -19.18 34.53
N SER B 43 -16.82 -19.87 34.68
CA SER B 43 -16.72 -21.08 35.49
C SER B 43 -16.15 -20.67 36.83
N ARG B 44 -16.72 -21.17 37.92
CA ARG B 44 -16.36 -20.75 39.27
C ARG B 44 -15.52 -21.78 40.05
N ASP B 45 -15.40 -22.98 39.51
CA ASP B 45 -14.77 -24.06 40.23
C ASP B 45 -13.74 -24.77 39.37
N CYS B 46 -12.93 -23.98 38.69
CA CYS B 46 -11.85 -24.52 37.92
C CYS B 46 -10.65 -24.71 38.84
N PRO B 47 -9.91 -25.81 38.67
CA PRO B 47 -8.69 -25.94 39.47
C PRO B 47 -7.64 -24.95 39.02
N VAL B 48 -6.85 -24.45 39.96
CA VAL B 48 -5.73 -23.59 39.60
C VAL B 48 -4.76 -24.45 38.81
N PRO B 49 -4.36 -24.00 37.60
CA PRO B 49 -3.50 -24.82 36.80
C PRO B 49 -2.09 -24.88 37.34
N LEU B 50 -1.36 -25.94 36.97
CA LEU B 50 0.02 -26.07 37.42
C LEU B 50 0.97 -25.74 36.30
N PRO B 51 1.96 -24.88 36.57
CA PRO B 51 2.81 -24.53 35.47
C PRO B 51 3.66 -25.68 34.97
N GLY B 52 3.84 -25.75 33.66
CA GLY B 52 4.79 -26.64 33.02
C GLY B 52 6.20 -26.19 33.27
N ASP B 53 7.16 -27.00 32.85
CA ASP B 53 8.55 -26.83 33.22
C ASP B 53 9.10 -25.42 33.01
N GLY B 54 8.78 -24.78 31.89
CA GLY B 54 9.27 -23.45 31.58
C GLY B 54 8.27 -22.35 31.74
N ASP B 55 7.20 -22.62 32.47
CA ASP B 55 6.09 -21.69 32.68
C ASP B 55 6.09 -20.98 34.02
N LEU B 56 5.49 -19.76 34.00
CA LEU B 56 5.09 -19.00 35.18
C LEU B 56 3.61 -19.23 35.45
N LEU B 57 3.22 -19.24 36.72
CA LEU B 57 1.82 -19.08 37.13
C LEU B 57 1.65 -17.67 37.65
N VAL B 58 0.84 -16.88 36.96
CA VAL B 58 0.68 -15.49 37.32
C VAL B 58 -0.71 -15.33 37.93
N ARG B 59 -0.77 -14.66 39.09
CA ARG B 59 -2.02 -14.29 39.67
C ARG B 59 -2.31 -12.92 39.12
N ASN B 60 -3.31 -12.89 38.26
CA ASN B 60 -3.67 -11.65 37.58
C ASN B 60 -4.31 -10.65 38.51
N ARG B 61 -3.86 -9.41 38.44
CA ARG B 61 -4.47 -8.30 39.17
CA ARG B 61 -4.51 -8.33 39.17
C ARG B 61 -5.28 -7.39 38.24
N PHE B 62 -4.75 -7.18 37.03
CA PHE B 62 -5.45 -6.44 36.01
C PHE B 62 -5.36 -7.20 34.69
N VAL B 63 -6.46 -7.16 33.94
CA VAL B 63 -6.52 -7.78 32.63
C VAL B 63 -7.07 -6.80 31.63
N GLY B 64 -6.65 -6.94 30.38
CA GLY B 64 -7.03 -5.99 29.37
C GLY B 64 -8.20 -6.49 28.57
N VAL B 65 -9.12 -5.62 28.23
CA VAL B 65 -10.17 -5.90 27.31
C VAL B 65 -9.83 -5.31 25.95
N ASN B 66 -9.94 -6.14 24.92
CA ASN B 66 -9.48 -5.79 23.57
C ASN B 66 -10.59 -5.98 22.56
N ALA B 67 -10.78 -5.12 21.59
CA ALA B 67 -11.82 -5.35 20.60
C ALA B 67 -11.89 -6.72 20.02
N SER B 68 -10.72 -7.31 19.76
CA SER B 68 -10.67 -8.62 19.17
C SER B 68 -10.97 -9.74 20.06
N ASP B 69 -11.28 -9.47 21.32
CA ASP B 69 -11.77 -10.53 22.20
C ASP B 69 -12.95 -11.24 21.54
N ILE B 70 -13.79 -10.50 20.83
CA ILE B 70 -14.98 -11.13 20.22
C ILE B 70 -14.68 -11.75 18.86
N ASN B 71 -13.58 -11.32 18.20
CA ASN B 71 -13.08 -12.18 17.12
C ASN B 71 -12.52 -13.54 17.60
N TYR B 72 -11.90 -13.54 18.77
CA TYR B 72 -11.32 -14.73 19.38
C TYR B 72 -12.43 -15.68 19.78
N SER B 73 -13.45 -15.15 20.47
CA SER B 73 -14.63 -15.97 20.90
C SER B 73 -15.38 -16.53 19.71
N ALA B 74 -15.30 -15.86 18.58
CA ALA B 74 -15.90 -16.28 17.31
C ALA B 74 -15.11 -17.33 16.57
N GLY B 75 -13.91 -17.65 17.06
CA GLY B 75 -13.09 -18.72 16.51
C GLY B 75 -12.32 -18.26 15.30
N ARG B 76 -12.20 -16.97 15.12
CA ARG B 76 -11.68 -16.39 13.87
C ARG B 76 -10.15 -16.48 13.76
N TYR B 77 -9.45 -16.63 14.88
CA TYR B 77 -7.99 -16.69 14.82
C TYR B 77 -7.52 -18.03 14.29
N ASP B 78 -8.30 -19.07 14.51
CA ASP B 78 -8.04 -20.36 13.94
C ASP B 78 -9.35 -21.12 13.86
N PRO B 79 -10.08 -20.98 12.74
CA PRO B 79 -11.39 -21.62 12.70
C PRO B 79 -11.40 -23.16 12.79
N SER B 80 -10.23 -23.77 12.94
CA SER B 80 -10.11 -25.22 13.16
C SER B 80 -10.17 -25.63 14.63
N VAL B 81 -9.81 -24.70 15.52
CA VAL B 81 -9.77 -24.95 16.97
C VAL B 81 -11.15 -24.80 17.55
N LYS B 82 -11.62 -25.84 18.23
CA LYS B 82 -13.00 -25.94 18.67
C LYS B 82 -13.05 -25.64 20.15
N PRO B 83 -14.18 -25.11 20.65
CA PRO B 83 -14.34 -24.90 22.07
C PRO B 83 -14.29 -26.20 22.84
N PRO B 84 -13.95 -26.16 24.12
CA PRO B 84 -13.70 -24.98 24.90
C PRO B 84 -12.25 -24.50 24.79
N PHE B 85 -12.03 -23.23 25.02
CA PHE B 85 -10.72 -22.70 25.10
C PHE B 85 -10.75 -21.40 25.90
N ASP B 86 -9.61 -21.14 26.50
CA ASP B 86 -9.38 -19.96 27.32
C ASP B 86 -9.39 -18.65 26.49
N ILE B 87 -9.52 -17.53 27.18
CA ILE B 87 -9.68 -16.27 26.47
C ILE B 87 -9.04 -15.13 27.29
N GLY B 88 -8.78 -13.99 26.65
CA GLY B 88 -8.13 -12.80 27.24
C GLY B 88 -6.69 -12.78 26.80
N PHE B 89 -6.26 -11.63 26.26
CA PHE B 89 -4.98 -11.56 25.55
C PHE B 89 -3.82 -11.05 26.39
N GLU B 90 -4.13 -10.45 27.52
CA GLU B 90 -3.08 -9.74 28.30
C GLU B 90 -3.46 -9.58 29.75
N GLY B 91 -2.44 -9.58 30.57
CA GLY B 91 -2.61 -9.46 31.99
C GLY B 91 -1.34 -8.94 32.64
N ILE B 92 -1.54 -8.47 33.85
CA ILE B 92 -0.43 -8.02 34.73
C ILE B 92 -0.74 -8.49 36.15
N GLY B 93 0.28 -8.99 36.84
CA GLY B 93 0.09 -9.52 38.18
C GLY B 93 1.40 -9.97 38.75
N GLU B 94 1.34 -10.85 39.74
CA GLU B 94 2.55 -11.36 40.38
C GLU B 94 2.74 -12.80 40.06
N VAL B 95 3.98 -13.16 39.94
CA VAL B 95 4.32 -14.57 39.89
C VAL B 95 4.01 -15.23 41.26
N VAL B 96 3.23 -16.32 41.25
CA VAL B 96 2.89 -17.01 42.49
C VAL B 96 3.44 -18.40 42.46
N ALA B 97 3.75 -18.91 41.29
CA ALA B 97 4.45 -20.16 41.17
C ALA B 97 5.21 -20.24 39.86
N LEU B 98 6.13 -21.19 39.78
CA LEU B 98 6.80 -21.41 38.52
C LEU B 98 7.28 -22.83 38.31
N GLY B 99 7.44 -23.19 37.04
CA GLY B 99 7.89 -24.51 36.67
C GLY B 99 9.32 -24.70 37.09
N LEU B 100 9.73 -25.94 37.23
CA LEU B 100 11.06 -26.19 37.77
C LEU B 100 12.21 -25.69 36.94
N SER B 101 11.95 -25.35 35.68
CA SER B 101 13.01 -24.92 34.76
C SER B 101 12.71 -23.60 34.08
N ALA B 102 11.80 -22.85 34.68
CA ALA B 102 11.45 -21.53 34.17
C ALA B 102 12.67 -20.62 34.25
N SER B 103 12.78 -19.69 33.30
CA SER B 103 13.83 -18.69 33.28
C SER B 103 14.20 -18.16 34.63
N ALA B 104 15.51 -18.18 34.90
CA ALA B 104 16.05 -17.66 36.15
C ALA B 104 15.78 -16.18 36.36
N ARG B 105 15.30 -15.49 35.33
CA ARG B 105 14.87 -14.10 35.47
C ARG B 105 13.67 -13.90 36.37
N TYR B 106 12.94 -14.98 36.66
CA TYR B 106 11.66 -14.88 37.35
C TYR B 106 11.68 -15.62 38.66
N THR B 107 11.07 -15.01 39.66
CA THR B 107 10.86 -15.57 40.97
C THR B 107 9.49 -15.25 41.53
N VAL B 108 9.02 -16.04 42.45
CA VAL B 108 7.79 -15.73 43.17
C VAL B 108 7.79 -14.33 43.74
N GLY B 109 6.68 -13.64 43.53
CA GLY B 109 6.50 -12.32 44.07
C GLY B 109 6.78 -11.23 43.07
N GLN B 110 7.44 -11.58 41.98
CA GLN B 110 7.80 -10.58 40.99
C GLN B 110 6.61 -10.13 40.18
N ALA B 111 6.56 -8.82 39.90
CA ALA B 111 5.59 -8.20 39.03
C ALA B 111 5.92 -8.53 37.59
N VAL B 112 4.94 -9.07 36.86
CA VAL B 112 5.11 -9.36 35.46
CA VAL B 112 5.11 -9.44 35.48
C VAL B 112 3.85 -9.09 34.67
N ALA B 113 4.06 -8.79 33.41
CA ALA B 113 3.01 -8.59 32.45
C ALA B 113 3.22 -9.53 31.28
N TYR B 114 2.16 -9.81 30.55
CA TYR B 114 2.27 -10.73 29.46
C TYR B 114 1.15 -10.51 28.45
N MET B 115 1.51 -10.84 27.19
CA MET B 115 0.58 -10.98 26.09
C MET B 115 0.57 -12.42 25.73
N ALA B 116 -0.47 -13.10 26.14
CA ALA B 116 -0.63 -14.50 25.91
C ALA B 116 -2.08 -14.85 26.16
N PRO B 117 -2.63 -15.82 25.41
CA PRO B 117 -4.04 -16.15 25.63
C PRO B 117 -4.36 -16.78 27.01
N GLY B 118 -5.53 -16.47 27.55
CA GLY B 118 -5.97 -17.05 28.78
C GLY B 118 -5.86 -16.12 29.98
N SER B 119 -5.79 -14.81 29.76
CA SER B 119 -5.67 -13.88 30.85
C SER B 119 -6.95 -13.72 31.66
N PHE B 120 -8.08 -14.13 31.12
CA PHE B 120 -9.36 -13.94 31.81
C PHE B 120 -9.57 -15.09 32.73
N ALA B 121 -8.79 -15.06 33.80
CA ALA B 121 -8.73 -16.13 34.78
C ALA B 121 -8.08 -15.52 36.05
N GLU B 122 -8.36 -16.09 37.23
CA GLU B 122 -7.65 -15.58 38.42
C GLU B 122 -6.17 -15.86 38.30
N TYR B 123 -5.83 -17.00 37.74
CA TYR B 123 -4.44 -17.41 37.55
C TYR B 123 -4.26 -17.93 36.12
N THR B 124 -3.15 -17.55 35.50
CA THR B 124 -2.81 -17.91 34.12
C THR B 124 -1.39 -18.44 34.02
N VAL B 125 -1.23 -19.58 33.32
CA VAL B 125 0.08 -20.09 33.01
C VAL B 125 0.61 -19.45 31.72
N VAL B 126 1.84 -18.93 31.79
CA VAL B 126 2.47 -18.16 30.75
C VAL B 126 3.90 -18.68 30.62
N PRO B 127 4.36 -18.97 29.39
CA PRO B 127 5.78 -19.27 29.25
C PRO B 127 6.67 -18.16 29.72
N ALA B 128 7.67 -18.47 30.52
CA ALA B 128 8.52 -17.44 31.10
C ALA B 128 9.21 -16.62 30.00
N SER B 129 9.57 -17.27 28.92
CA SER B 129 10.35 -16.69 27.86
C SER B 129 9.62 -15.64 27.09
N ILE B 130 8.29 -15.63 27.16
CA ILE B 130 7.54 -14.54 26.53
C ILE B 130 7.03 -13.46 27.45
N ALA B 131 7.18 -13.60 28.76
CA ALA B 131 6.69 -12.63 29.71
C ALA B 131 7.55 -11.42 29.69
N THR B 132 7.02 -10.32 30.25
CA THR B 132 7.68 -9.02 30.39
C THR B 132 7.77 -8.59 31.87
N PRO B 133 9.00 -8.43 32.41
CA PRO B 133 9.12 -7.88 33.73
C PRO B 133 8.69 -6.44 33.76
N VAL B 134 8.02 -6.06 34.83
CA VAL B 134 7.54 -4.72 34.96
C VAL B 134 7.92 -4.18 36.31
N PRO B 135 8.03 -2.86 36.45
CA PRO B 135 8.39 -2.21 37.71
C PRO B 135 7.52 -2.59 38.89
N SER B 136 6.21 -2.64 38.66
CA SER B 136 5.23 -2.95 39.69
C SER B 136 3.95 -3.28 38.96
N VAL B 137 2.93 -3.71 39.69
CA VAL B 137 1.67 -4.08 39.12
C VAL B 137 0.84 -2.79 39.08
N LYS B 138 0.84 -2.16 37.93
CA LYS B 138 0.01 -1.01 37.68
C LYS B 138 -0.73 -1.16 36.34
N PRO B 139 -2.00 -0.69 36.24
CA PRO B 139 -2.73 -0.83 34.97
C PRO B 139 -2.08 -0.05 33.82
N GLU B 140 -1.34 0.99 34.13
CA GLU B 140 -0.71 1.78 33.06
C GLU B 140 0.26 0.96 32.23
N TYR B 141 0.98 0.05 32.88
CA TYR B 141 1.92 -0.82 32.16
C TYR B 141 1.21 -1.80 31.25
N LEU B 142 0.04 -2.25 31.66
CA LEU B 142 -0.75 -3.16 30.87
C LEU B 142 -1.19 -2.54 29.54
N THR B 143 -1.45 -1.24 29.56
CA THR B 143 -1.84 -0.56 28.36
C THR B 143 -0.81 -0.70 27.25
N LEU B 144 0.45 -0.97 27.61
CA LEU B 144 1.52 -0.97 26.63
C LEU B 144 1.56 -2.28 25.88
N LEU B 145 1.06 -3.34 26.46
CA LEU B 145 1.38 -4.67 25.99
C LEU B 145 0.87 -4.99 24.61
N VAL B 146 -0.36 -4.56 24.31
CA VAL B 146 -0.99 -4.76 23.01
C VAL B 146 -1.25 -3.39 22.38
N SER B 147 -1.90 -2.51 23.12
CA SER B 147 -2.28 -1.25 22.54
C SER B 147 -1.07 -0.38 22.19
N GLY B 148 -0.14 -0.28 23.13
CA GLY B 148 1.05 0.56 22.91
C GLY B 148 1.91 0.00 21.81
N THR B 149 2.26 -1.28 21.94
CA THR B 149 3.17 -1.92 21.00
C THR B 149 2.59 -1.90 19.59
N THR B 150 1.28 -2.10 19.45
CA THR B 150 0.66 -2.02 18.12
C THR B 150 0.86 -0.66 17.42
N ALA B 151 0.63 0.45 18.10
CA ALA B 151 0.81 1.78 17.58
C ALA B 151 2.29 2.04 17.32
N TYR B 152 3.15 1.64 18.25
CA TYR B 152 4.56 1.92 18.18
C TYR B 152 5.21 1.21 17.00
N ILE B 153 4.97 -0.09 16.88
CA ILE B 153 5.61 -0.89 15.86
C ILE B 153 5.05 -0.53 14.50
N SER B 154 3.75 -0.40 14.39
CA SER B 154 3.13 -0.16 13.06
C SER B 154 3.55 1.22 12.52
N LEU B 155 3.59 2.24 13.33
CA LEU B 155 3.98 3.57 12.86
C LEU B 155 5.47 3.66 12.54
N LYS B 156 6.29 2.98 13.34
CA LYS B 156 7.72 2.97 13.11
C LYS B 156 8.04 2.21 11.83
N GLU B 157 7.46 1.03 11.68
CA GLU B 157 7.75 0.19 10.56
C GLU B 157 7.08 0.60 9.26
N LEU B 158 5.90 1.22 9.34
CA LEU B 158 5.03 1.47 8.21
C LEU B 158 4.60 2.92 7.98
N GLY B 159 4.75 3.80 8.97
CA GLY B 159 4.23 5.16 8.82
C GLY B 159 5.01 6.16 8.00
N GLY B 160 6.33 6.04 8.00
CA GLY B 160 7.17 7.03 7.35
C GLY B 160 6.92 8.40 7.91
N LEU B 161 6.73 8.54 9.22
CA LEU B 161 6.42 9.83 9.80
C LEU B 161 7.58 10.79 9.76
N SER B 162 7.24 12.06 9.56
CA SER B 162 8.22 13.10 9.57
C SER B 162 7.43 14.36 9.79
N GLU B 163 8.12 15.48 10.06
CA GLU B 163 7.46 16.68 10.54
C GLU B 163 6.45 17.26 9.56
N GLY B 164 5.28 17.69 10.04
CA GLY B 164 4.29 18.26 9.16
C GLY B 164 3.50 17.26 8.35
N LYS B 165 3.81 15.95 8.42
CA LYS B 165 2.89 14.96 7.83
C LYS B 165 1.56 15.05 8.55
N LYS B 166 0.49 14.96 7.80
CA LYS B 166 -0.87 14.91 8.34
C LYS B 166 -1.24 13.47 8.59
N VAL B 167 -1.62 13.19 9.84
CA VAL B 167 -1.95 11.84 10.29
C VAL B 167 -3.35 11.83 10.83
N LEU B 168 -4.18 10.96 10.28
CA LEU B 168 -5.55 10.80 10.70
C LEU B 168 -5.62 9.54 11.53
N VAL B 169 -6.06 9.69 12.79
CA VAL B 169 -6.20 8.53 13.62
C VAL B 169 -7.67 8.25 13.98
N THR B 170 -8.14 7.04 13.70
CA THR B 170 -9.56 6.74 14.00
C THR B 170 -9.63 5.97 15.33
N ALA B 171 -10.76 6.05 16.01
CA ALA B 171 -10.86 5.60 17.42
C ALA B 171 -9.70 6.14 18.23
N ALA B 172 -9.47 7.43 18.06
CA ALA B 172 -8.28 8.12 18.56
C ALA B 172 -8.21 8.23 20.08
N ALA B 173 -9.36 8.12 20.73
CA ALA B 173 -9.45 8.25 22.19
C ALA B 173 -9.49 6.89 22.88
N GLY B 174 -9.26 5.84 22.10
CA GLY B 174 -9.25 4.48 22.62
C GLY B 174 -7.91 3.94 23.00
N GLY B 175 -7.91 2.65 23.28
CA GLY B 175 -6.77 1.93 23.82
C GLY B 175 -5.50 2.11 23.03
N THR B 176 -5.55 1.73 21.77
CA THR B 176 -4.41 1.93 20.84
C THR B 176 -4.36 3.34 20.21
N GLY B 177 -5.53 3.92 19.90
CA GLY B 177 -5.62 5.22 19.38
C GLY B 177 -4.82 6.20 20.12
N GLN B 178 -4.91 6.21 21.44
CA GLN B 178 -4.21 7.20 22.24
C GLN B 178 -2.71 7.23 22.02
N PHE B 179 -2.16 6.08 21.71
CA PHE B 179 -0.77 5.95 21.47
C PHE B 179 -0.40 6.31 20.05
N ALA B 180 -1.19 5.91 19.05
CA ALA B 180 -1.01 6.43 17.68
C ALA B 180 -0.98 7.96 17.66
N MET B 181 -1.91 8.58 18.38
CA MET B 181 -1.94 10.04 18.49
CA MET B 181 -1.94 10.04 18.52
C MET B 181 -0.62 10.59 19.07
N GLN B 182 -0.19 10.07 20.21
CA GLN B 182 0.97 10.61 20.92
C GLN B 182 2.27 10.36 20.22
N LEU B 183 2.42 9.16 19.67
CA LEU B 183 3.64 8.81 18.97
C LEU B 183 3.81 9.60 17.69
N SER B 184 2.70 9.87 17.01
CA SER B 184 2.73 10.69 15.80
C SER B 184 3.12 12.13 16.13
N LYS B 185 2.63 12.62 17.26
CA LYS B 185 3.02 13.96 17.72
C LYS B 185 4.52 14.05 18.06
N LYS B 186 5.09 12.98 18.56
CA LYS B 186 6.54 12.95 18.82
C LYS B 186 7.38 13.03 17.54
N ALA B 187 6.81 12.57 16.43
CA ALA B 187 7.45 12.68 15.12
C ALA B 187 7.17 14.03 14.47
N LYS B 188 6.51 14.89 15.22
CA LYS B 188 6.13 16.24 14.82
C LYS B 188 5.12 16.28 13.71
N CYS B 189 4.26 15.28 13.64
CA CYS B 189 3.13 15.31 12.72
C CYS B 189 2.01 16.22 13.18
N HIS B 190 1.17 16.59 12.24
CA HIS B 190 -0.09 17.26 12.48
C HIS B 190 -1.11 16.15 12.57
N VAL B 191 -1.76 16.03 13.73
CA VAL B 191 -2.62 14.90 14.00
C VAL B 191 -4.07 15.27 14.10
N ILE B 192 -4.86 14.45 13.42
CA ILE B 192 -6.31 14.54 13.39
C ILE B 192 -6.87 13.29 14.02
N GLY B 193 -7.78 13.47 14.97
CA GLY B 193 -8.30 12.37 15.71
C GLY B 193 -9.81 12.28 15.66
N THR B 194 -10.37 11.09 15.41
CA THR B 194 -11.82 10.90 15.44
C THR B 194 -12.29 10.22 16.69
N CYS B 195 -13.47 10.62 17.16
CA CYS B 195 -14.05 10.11 18.39
C CYS B 195 -15.56 10.43 18.45
N SER B 196 -16.29 9.80 19.34
CA SER B 196 -17.73 9.96 19.41
C SER B 196 -18.31 10.88 20.51
N SER B 197 -17.49 11.65 21.22
CA SER B 197 -18.04 12.60 22.20
C SER B 197 -17.19 13.80 22.41
N ASP B 198 -17.78 14.83 23.00
CA ASP B 198 -17.05 16.03 23.34
C ASP B 198 -16.07 15.79 24.47
N GLU B 199 -16.37 14.88 25.38
CA GLU B 199 -15.44 14.48 26.43
C GLU B 199 -14.21 13.82 25.82
N LYS B 200 -14.43 13.01 24.79
CA LYS B 200 -13.34 12.33 24.12
C LYS B 200 -12.52 13.34 23.34
N SER B 201 -13.18 14.29 22.72
CA SER B 201 -12.45 15.35 22.03
C SER B 201 -11.55 16.14 22.96
N ALA B 202 -12.00 16.41 24.17
CA ALA B 202 -11.17 17.13 25.14
C ALA B 202 -9.93 16.35 25.51
N PHE B 203 -10.12 15.04 25.70
CA PHE B 203 -9.01 14.15 25.99
C PHE B 203 -7.99 14.20 24.87
N LEU B 204 -8.47 14.14 23.63
CA LEU B 204 -7.60 14.27 22.46
C LEU B 204 -6.85 15.60 22.47
N LYS B 205 -7.55 16.69 22.71
CA LYS B 205 -6.84 17.99 22.83
C LYS B 205 -5.75 17.93 23.87
N SER B 206 -6.04 17.29 25.00
CA SER B 206 -5.08 17.16 26.07
C SER B 206 -3.88 16.29 25.70
N LEU B 207 -4.00 15.48 24.66
CA LEU B 207 -2.86 14.70 24.20
C LEU B 207 -2.10 15.38 23.08
N GLY B 208 -2.55 16.55 22.66
CA GLY B 208 -1.83 17.34 21.68
C GLY B 208 -2.39 17.19 20.28
N CYS B 209 -3.58 16.63 20.20
CA CYS B 209 -4.28 16.46 18.94
C CYS B 209 -4.57 17.82 18.33
N ASP B 210 -4.16 17.98 17.07
CA ASP B 210 -4.34 19.24 16.37
C ASP B 210 -5.76 19.48 15.96
N ARG B 211 -6.48 18.41 15.64
CA ARG B 211 -7.83 18.51 15.17
C ARG B 211 -8.63 17.35 15.65
N PRO B 212 -9.12 17.42 16.90
CA PRO B 212 -10.11 16.46 17.30
C PRO B 212 -11.40 16.62 16.52
N ILE B 213 -12.04 15.52 16.15
CA ILE B 213 -13.32 15.54 15.47
C ILE B 213 -14.27 14.66 16.21
N ASN B 214 -15.36 15.22 16.74
CA ASN B 214 -16.45 14.40 17.26
C ASN B 214 -17.32 14.11 16.09
N TYR B 215 -17.24 12.90 15.55
CA TYR B 215 -17.99 12.57 14.36
C TYR B 215 -19.51 12.51 14.54
N LYS B 216 -19.98 12.42 15.78
CA LYS B 216 -21.42 12.48 16.02
C LYS B 216 -21.96 13.87 15.72
N THR B 217 -21.15 14.90 15.92
CA THR B 217 -21.62 16.25 15.70
C THR B 217 -20.98 16.92 14.50
N GLU B 218 -19.84 16.41 14.02
CA GLU B 218 -19.12 16.94 12.87
C GLU B 218 -18.66 15.78 12.03
N PRO B 219 -19.36 15.51 10.93
CA PRO B 219 -19.01 14.46 9.97
C PRO B 219 -17.60 14.61 9.46
N VAL B 220 -16.88 13.50 9.44
CA VAL B 220 -15.45 13.51 9.25
C VAL B 220 -15.08 13.91 7.82
N GLY B 221 -15.88 13.50 6.85
CA GLY B 221 -15.53 13.64 5.45
C GLY B 221 -15.56 15.09 5.08
N THR B 222 -16.50 15.82 5.68
CA THR B 222 -16.65 17.22 5.44
C THR B 222 -15.48 17.99 6.03
N VAL B 223 -15.11 17.68 7.25
CA VAL B 223 -13.96 18.29 7.85
C VAL B 223 -12.71 18.08 6.98
N LEU B 224 -12.53 16.88 6.48
CA LEU B 224 -11.35 16.60 5.73
C LEU B 224 -11.33 17.35 4.41
N LYS B 225 -12.46 17.31 3.70
CA LYS B 225 -12.61 18.01 2.40
C LYS B 225 -12.33 19.47 2.58
N GLN B 226 -12.86 20.04 3.66
CA GLN B 226 -12.78 21.48 3.87
C GLN B 226 -11.43 21.95 4.40
N GLU B 227 -10.90 21.23 5.38
CA GLU B 227 -9.70 21.66 6.11
C GLU B 227 -8.41 21.01 5.62
N TYR B 228 -8.52 19.91 4.87
CA TYR B 228 -7.36 19.15 4.40
C TYR B 228 -7.57 18.76 2.94
N PRO B 229 -7.80 19.75 2.07
CA PRO B 229 -8.13 19.55 0.66
C PRO B 229 -7.07 18.77 -0.13
N GLU B 230 -5.81 18.90 0.28
CA GLU B 230 -4.72 18.14 -0.32
C GLU B 230 -4.54 16.78 0.31
N GLY B 231 -5.41 16.42 1.24
CA GLY B 231 -5.40 15.11 1.80
C GLY B 231 -4.50 14.91 3.00
N VAL B 232 -4.58 13.70 3.54
CA VAL B 232 -3.73 13.25 4.64
C VAL B 232 -2.71 12.19 4.21
N ASP B 233 -1.58 12.20 4.87
CA ASP B 233 -0.45 11.41 4.49
C ASP B 233 -0.48 10.02 5.06
N VAL B 234 -1.04 9.88 6.25
CA VAL B 234 -1.09 8.63 6.95
C VAL B 234 -2.41 8.53 7.67
N VAL B 235 -3.03 7.38 7.54
CA VAL B 235 -4.23 7.05 8.27
C VAL B 235 -3.99 5.82 9.15
N TYR B 236 -4.24 5.98 10.45
CA TYR B 236 -4.20 4.85 11.39
C TYR B 236 -5.65 4.42 11.51
N GLU B 237 -6.03 3.43 10.71
CA GLU B 237 -7.44 3.11 10.48
C GLU B 237 -7.84 1.87 11.23
N SER B 238 -8.71 2.00 12.24
CA SER B 238 -9.06 0.85 13.00
C SER B 238 -10.59 0.59 13.04
N VAL B 239 -11.38 1.36 12.30
CA VAL B 239 -12.83 1.25 12.37
C VAL B 239 -13.49 0.53 11.19
N GLY B 240 -12.98 0.74 9.98
CA GLY B 240 -13.50 0.00 8.85
C GLY B 240 -14.78 0.69 8.29
N GLY B 241 -15.40 0.02 7.34
CA GLY B 241 -16.68 0.45 6.79
C GLY B 241 -16.57 1.78 6.13
N ALA B 242 -17.56 2.64 6.39
CA ALA B 242 -17.61 3.96 5.78
C ALA B 242 -16.40 4.79 6.17
N MET B 243 -15.83 4.50 7.34
CA MET B 243 -14.67 5.25 7.80
C MET B 243 -13.44 4.96 6.94
N PHE B 244 -13.28 3.69 6.59
CA PHE B 244 -12.24 3.23 5.66
C PHE B 244 -12.47 3.88 4.30
N ASP B 245 -13.71 3.89 3.79
CA ASP B 245 -14.04 4.50 2.51
C ASP B 245 -13.65 5.97 2.47
N LEU B 246 -13.98 6.71 3.51
CA LEU B 246 -13.64 8.10 3.52
C LEU B 246 -12.14 8.33 3.69
N ALA B 247 -11.45 7.45 4.44
CA ALA B 247 -10.00 7.51 4.63
C ALA B 247 -9.29 7.39 3.28
N VAL B 248 -9.75 6.46 2.43
CA VAL B 248 -9.22 6.29 1.08
C VAL B 248 -9.36 7.55 0.24
N ASP B 249 -10.56 8.10 0.21
CA ASP B 249 -10.83 9.33 -0.51
C ASP B 249 -10.05 10.52 0.00
N ALA B 250 -9.69 10.52 1.27
CA ALA B 250 -8.93 11.58 1.89
C ALA B 250 -7.43 11.52 1.71
N LEU B 251 -6.89 10.42 1.17
CA LEU B 251 -5.44 10.24 1.10
C LEU B 251 -4.82 11.30 0.21
N ALA B 252 -3.72 11.88 0.63
CA ALA B 252 -2.89 12.67 -0.23
C ALA B 252 -2.17 11.80 -1.26
N THR B 253 -1.51 12.40 -2.22
CA THR B 253 -0.57 11.79 -3.09
C THR B 253 0.51 11.15 -2.24
N LYS B 254 0.77 9.87 -2.49
CA LYS B 254 1.69 9.02 -1.74
C LYS B 254 1.21 8.71 -0.31
N GLY B 255 -0.06 8.88 -0.06
CA GLY B 255 -0.66 8.58 1.23
C GLY B 255 -0.67 7.10 1.55
N ARG B 256 -0.74 6.80 2.82
CA ARG B 256 -0.73 5.42 3.29
C ARG B 256 -1.87 5.23 4.30
N LEU B 257 -2.74 4.28 4.05
CA LEU B 257 -3.81 3.95 4.97
C LEU B 257 -3.36 2.66 5.61
N ILE B 258 -3.09 2.71 6.92
CA ILE B 258 -2.69 1.52 7.66
C ILE B 258 -3.94 0.91 8.24
N VAL B 259 -4.18 -0.35 7.84
CA VAL B 259 -5.30 -1.09 8.32
C VAL B 259 -4.89 -1.88 9.61
N ILE B 260 -5.20 -1.29 10.73
CA ILE B 260 -4.99 -1.74 12.07
C ILE B 260 -6.16 -2.61 12.49
N GLY B 261 -7.38 -2.35 12.06
CA GLY B 261 -8.56 -3.13 12.42
C GLY B 261 -9.78 -2.65 11.69
N PHE B 262 -10.94 -3.19 12.03
CA PHE B 262 -12.18 -2.75 11.44
C PHE B 262 -13.29 -3.12 12.37
N ILE B 263 -13.25 -2.49 13.52
CA ILE B 263 -14.14 -2.82 14.64
C ILE B 263 -15.64 -2.70 14.30
N SER B 264 -15.97 -1.87 13.31
CA SER B 264 -17.35 -1.75 12.88
C SER B 264 -17.94 -3.05 12.32
N GLY B 265 -17.06 -3.98 11.96
CA GLY B 265 -17.47 -5.31 11.51
C GLY B 265 -17.47 -6.48 12.48
N TYR B 266 -16.83 -6.35 13.66
CA TYR B 266 -16.48 -7.58 14.39
C TYR B 266 -17.71 -8.26 14.95
N GLN B 267 -18.77 -7.54 15.23
CA GLN B 267 -19.98 -8.10 15.86
C GLN B 267 -20.85 -8.81 14.81
N THR B 268 -20.55 -8.60 13.52
CA THR B 268 -21.35 -9.20 12.43
C THR B 268 -21.02 -10.67 12.29
N PRO B 269 -21.89 -11.43 11.61
CA PRO B 269 -21.59 -12.84 11.48
C PRO B 269 -20.27 -13.19 10.85
N THR B 270 -19.86 -12.45 9.85
CA THR B 270 -18.59 -12.66 9.17
C THR B 270 -17.39 -12.01 9.84
N GLY B 271 -17.66 -10.93 10.59
CA GLY B 271 -16.59 -10.19 11.21
C GLY B 271 -16.12 -9.07 10.34
N LEU B 272 -16.60 -9.01 9.09
CA LEU B 272 -16.20 -7.95 8.16
C LEU B 272 -17.07 -6.74 8.13
N SER B 273 -16.46 -5.62 7.78
CA SER B 273 -17.23 -4.40 7.59
C SER B 273 -17.31 -4.12 6.11
N PRO B 274 -18.52 -4.00 5.58
CA PRO B 274 -18.61 -3.72 4.15
C PRO B 274 -17.96 -2.40 3.76
N VAL B 275 -17.13 -2.43 2.74
CA VAL B 275 -16.45 -1.25 2.18
C VAL B 275 -16.79 -1.13 0.68
N LYS B 276 -16.87 0.07 0.18
CA LYS B 276 -17.05 0.21 -1.26
C LYS B 276 -15.69 0.41 -1.84
N ALA B 277 -15.07 -0.72 -2.20
CA ALA B 277 -13.72 -0.76 -2.64
C ALA B 277 -13.55 -1.47 -3.98
N GLY B 278 -14.60 -1.57 -4.79
CA GLY B 278 -14.44 -2.17 -6.11
C GLY B 278 -13.57 -1.38 -7.08
N THR B 279 -13.36 -0.10 -6.80
CA THR B 279 -12.49 0.74 -7.62
C THR B 279 -11.25 1.18 -6.84
N LEU B 280 -10.97 0.47 -5.76
CA LEU B 280 -9.82 0.78 -4.91
C LEU B 280 -8.46 0.76 -5.64
N PRO B 281 -8.18 -0.28 -6.44
CA PRO B 281 -6.92 -0.28 -7.22
C PRO B 281 -6.74 1.02 -8.08
N ALA B 282 -7.80 1.47 -8.73
CA ALA B 282 -7.75 2.68 -9.52
C ALA B 282 -7.50 3.88 -8.64
N LYS B 283 -8.21 4.01 -7.52
CA LYS B 283 -7.96 5.13 -6.61
C LYS B 283 -6.55 5.19 -6.11
N LEU B 284 -5.99 4.05 -5.75
CA LEU B 284 -4.64 3.98 -5.22
C LEU B 284 -3.62 4.32 -6.29
N LEU B 285 -3.79 3.78 -7.50
CA LEU B 285 -2.87 4.11 -8.59
C LEU B 285 -2.86 5.61 -8.84
N LYS B 286 -4.03 6.24 -8.92
CA LYS B 286 -4.15 7.66 -9.26
C LYS B 286 -3.51 8.56 -8.25
N LYS B 287 -3.32 8.14 -7.01
CA LYS B 287 -2.66 8.90 -5.95
C LYS B 287 -1.30 8.38 -5.53
N SER B 288 -0.79 7.37 -6.20
CA SER B 288 0.37 6.61 -5.74
C SER B 288 0.24 6.25 -4.25
N ALA B 289 -0.94 5.83 -3.84
CA ALA B 289 -1.27 5.68 -2.43
C ALA B 289 -1.27 4.20 -2.13
N SER B 290 -1.34 3.86 -0.84
CA SER B 290 -1.34 2.46 -0.44
CA SER B 290 -1.27 2.46 -0.38
C SER B 290 -2.31 2.18 0.67
N VAL B 291 -2.67 0.91 0.72
CA VAL B 291 -3.39 0.32 1.82
C VAL B 291 -2.46 -0.78 2.40
N GLN B 292 -2.13 -0.63 3.67
CA GLN B 292 -1.16 -1.44 4.32
C GLN B 292 -1.74 -2.11 5.55
N GLY B 293 -1.83 -3.44 5.55
CA GLY B 293 -2.26 -4.20 6.72
C GLY B 293 -1.16 -4.35 7.77
N PHE B 294 -1.56 -4.40 9.03
CA PHE B 294 -0.62 -4.63 10.12
C PHE B 294 -1.24 -5.59 11.12
N PHE B 295 -0.55 -6.68 11.43
CA PHE B 295 -0.97 -7.73 12.40
C PHE B 295 0.19 -7.83 13.37
N LEU B 296 0.02 -7.40 14.61
CA LEU B 296 1.10 -7.39 15.60
C LEU B 296 1.90 -8.70 15.61
N ASN B 297 1.21 -9.84 15.54
CA ASN B 297 1.93 -11.11 15.67
C ASN B 297 2.90 -11.45 14.53
N HIS B 298 2.86 -10.68 13.45
CA HIS B 298 3.85 -10.72 12.39
C HIS B 298 5.13 -9.92 12.67
N TYR B 299 5.14 -9.17 13.77
CA TYR B 299 6.24 -8.27 14.07
C TYR B 299 6.79 -8.45 15.45
N LEU B 300 6.64 -9.66 15.96
CA LEU B 300 7.06 -10.02 17.36
C LEU B 300 8.55 -9.94 17.60
N SER B 301 9.34 -10.09 16.54
CA SER B 301 10.79 -9.83 16.66
C SER B 301 11.11 -8.41 17.15
N LYS B 302 10.21 -7.43 16.92
CA LYS B 302 10.37 -6.10 17.39
C LYS B 302 9.74 -5.80 18.75
N TYR B 303 9.08 -6.78 19.33
CA TYR B 303 8.23 -6.58 20.50
C TYR B 303 9.01 -6.20 21.78
N GLN B 304 10.09 -6.91 22.05
CA GLN B 304 10.85 -6.70 23.29
C GLN B 304 11.40 -5.31 23.27
N ALA B 305 11.96 -4.89 22.15
CA ALA B 305 12.50 -3.54 22.05
C ALA B 305 11.46 -2.45 22.17
N ALA B 306 10.29 -2.67 21.59
CA ALA B 306 9.20 -1.71 21.64
C ALA B 306 8.69 -1.59 23.07
N MET B 307 8.52 -2.71 23.75
CA MET B 307 8.05 -2.75 25.12
C MET B 307 9.01 -2.05 26.08
N SER B 308 10.29 -2.26 25.89
CA SER B 308 11.30 -1.60 26.70
CA SER B 308 11.27 -1.60 26.72
C SER B 308 11.24 -0.08 26.53
N HIS B 309 11.12 0.38 25.29
CA HIS B 309 11.08 1.79 25.05
C HIS B 309 9.78 2.37 25.56
N LEU B 310 8.65 1.74 25.32
CA LEU B 310 7.37 2.24 25.84
C LEU B 310 7.37 2.36 27.38
N LEU B 311 7.90 1.33 28.01
CA LEU B 311 7.98 1.29 29.49
C LEU B 311 8.77 2.45 30.00
N GLU B 312 9.88 2.75 29.37
CA GLU B 312 10.71 3.91 29.78
C GLU B 312 9.95 5.19 29.59
N MET B 313 9.22 5.31 28.49
CA MET B 313 8.41 6.49 28.22
CA MET B 313 8.43 6.51 28.24
C MET B 313 7.25 6.65 29.21
N CYS B 314 6.67 5.54 29.61
CA CYS B 314 5.61 5.54 30.59
C CYS B 314 6.17 6.02 31.94
N VAL B 315 7.22 5.36 32.38
CA VAL B 315 7.84 5.59 33.68
C VAL B 315 8.32 7.00 33.75
N SER B 316 8.88 7.47 32.65
CA SER B 316 9.40 8.81 32.63
C SER B 316 8.32 9.86 32.47
N GLY B 317 7.08 9.49 32.19
CA GLY B 317 6.03 10.47 31.95
C GLY B 317 6.02 11.09 30.55
N ASP B 318 6.84 10.61 29.64
CA ASP B 318 6.79 11.06 28.25
C ASP B 318 5.54 10.57 27.49
N LEU B 319 4.81 9.66 28.09
CA LEU B 319 3.66 9.04 27.47
C LEU B 319 2.49 8.93 28.46
N VAL B 320 1.33 9.49 28.11
CA VAL B 320 0.07 9.28 28.82
C VAL B 320 -0.48 7.91 28.47
N CYS B 321 -0.65 7.07 29.49
CA CYS B 321 -1.20 5.73 29.36
C CYS B 321 -2.54 5.69 30.07
N GLU B 322 -3.55 6.20 29.39
CA GLU B 322 -4.87 6.37 29.94
C GLU B 322 -5.60 5.04 30.09
N VAL B 323 -6.17 4.80 31.26
CA VAL B 323 -6.86 3.59 31.60
C VAL B 323 -8.32 3.90 31.91
N ASP B 324 -9.22 3.11 31.36
CA ASP B 324 -10.64 3.17 31.70
C ASP B 324 -11.00 1.98 32.56
N LEU B 325 -11.21 2.22 33.85
CA LEU B 325 -11.49 1.14 34.80
C LEU B 325 -13.00 0.92 34.95
N GLY B 326 -13.80 1.57 34.12
CA GLY B 326 -15.23 1.51 34.14
C GLY B 326 -15.97 2.35 35.17
N ASP B 327 -15.29 3.31 35.80
CA ASP B 327 -15.91 4.05 36.88
C ASP B 327 -17.17 4.75 36.39
N LEU B 328 -17.20 5.16 35.12
CA LEU B 328 -18.34 5.83 34.55
C LEU B 328 -19.29 4.92 33.83
N SER B 329 -19.06 3.61 33.86
CA SER B 329 -19.96 2.68 33.22
C SER B 329 -21.26 2.54 34.04
N PRO B 330 -22.33 2.04 33.41
CA PRO B 330 -23.57 1.84 34.16
C PRO B 330 -23.49 1.14 35.51
N GLU B 331 -22.65 0.13 35.67
CA GLU B 331 -22.58 -0.57 36.93
C GLU B 331 -21.25 -0.25 37.68
N GLY B 332 -20.59 0.83 37.25
CA GLY B 332 -19.33 1.29 37.80
C GLY B 332 -18.11 0.38 37.57
N ARG B 333 -17.09 0.53 38.42
CA ARG B 333 -15.77 -0.02 38.22
C ARG B 333 -15.82 -1.44 37.83
N PHE B 334 -15.01 -1.79 36.83
CA PHE B 334 -14.90 -3.18 36.40
C PHE B 334 -14.06 -4.02 37.32
N THR B 335 -14.73 -4.69 38.24
CA THR B 335 -14.08 -5.51 39.23
C THR B 335 -14.62 -6.92 39.09
N GLY B 336 -13.73 -7.88 38.98
CA GLY B 336 -14.02 -9.31 38.88
C GLY B 336 -14.18 -9.73 37.43
N LEU B 337 -14.03 -11.02 37.19
CA LEU B 337 -14.19 -11.61 35.87
C LEU B 337 -15.60 -11.39 35.33
N GLU B 338 -16.57 -11.38 36.22
CA GLU B 338 -17.96 -11.11 35.86
C GLU B 338 -18.11 -9.81 35.15
N SER B 339 -17.26 -8.81 35.46
CA SER B 339 -17.40 -7.48 34.87
C SER B 339 -16.91 -7.39 33.43
N ILE B 340 -16.22 -8.42 32.95
CA ILE B 340 -15.67 -8.43 31.61
C ILE B 340 -16.77 -8.37 30.56
N PHE B 341 -17.90 -9.03 30.80
CA PHE B 341 -19.05 -8.93 29.92
C PHE B 341 -19.50 -7.46 29.75
N ARG B 342 -19.62 -6.75 30.87
CA ARG B 342 -20.00 -5.30 30.92
C ARG B 342 -19.01 -4.43 30.22
N ALA B 343 -17.75 -4.78 30.36
CA ALA B 343 -16.65 -4.00 29.85
C ALA B 343 -16.59 -4.14 28.34
N VAL B 344 -16.80 -5.33 27.82
CA VAL B 344 -16.94 -5.55 26.36
C VAL B 344 -18.08 -4.76 25.80
N ASN B 345 -19.23 -4.78 26.46
CA ASN B 345 -20.38 -3.99 26.04
CA ASN B 345 -20.39 -4.00 26.06
C ASN B 345 -20.03 -2.53 26.01
N TYR B 346 -19.34 -2.06 27.04
CA TYR B 346 -18.93 -0.64 27.13
C TYR B 346 -18.06 -0.22 25.92
N MET B 347 -17.11 -1.04 25.55
CA MET B 347 -16.29 -0.80 24.36
C MET B 347 -17.12 -0.69 23.11
N TYR B 348 -18.03 -1.63 22.92
CA TYR B 348 -18.85 -1.69 21.72
C TYR B 348 -20.00 -0.68 21.70
N MET B 349 -20.25 -0.02 22.84
CA MET B 349 -21.12 1.15 22.86
CA MET B 349 -21.11 1.16 22.89
C MET B 349 -20.33 2.42 22.62
N GLY B 350 -19.01 2.27 22.50
CA GLY B 350 -18.12 3.36 22.24
C GLY B 350 -17.90 4.31 23.37
N LYS B 351 -18.07 3.88 24.62
CA LYS B 351 -18.06 4.81 25.75
C LYS B 351 -16.71 5.03 26.41
N ASN B 352 -15.75 4.15 26.16
CA ASN B 352 -14.45 4.22 26.83
C ASN B 352 -13.53 5.33 26.38
N THR B 353 -12.76 5.87 27.33
CA THR B 353 -11.68 6.80 27.01
C THR B 353 -10.41 6.13 27.51
N GLY B 354 -9.53 5.83 26.60
CA GLY B 354 -8.41 5.02 26.96
C GLY B 354 -8.62 3.55 26.96
N LYS B 355 -7.61 2.87 27.47
CA LYS B 355 -7.65 1.43 27.54
C LYS B 355 -8.57 0.83 28.59
N ILE B 356 -9.51 0.01 28.14
CA ILE B 356 -10.33 -0.74 29.11
C ILE B 356 -9.58 -1.81 29.89
N VAL B 357 -9.65 -1.67 31.20
CA VAL B 357 -8.97 -2.60 32.10
C VAL B 357 -9.90 -3.05 33.22
N VAL B 358 -9.85 -4.35 33.49
CA VAL B 358 -10.60 -4.98 34.54
C VAL B 358 -9.68 -5.38 35.69
N GLU B 359 -10.10 -5.06 36.90
CA GLU B 359 -9.36 -5.46 38.10
C GLU B 359 -9.92 -6.71 38.77
N LEU B 360 -9.03 -7.59 39.20
CA LEU B 360 -9.34 -8.77 39.97
C LEU B 360 -8.82 -8.48 41.39
N PRO B 361 -9.68 -7.97 42.27
CA PRO B 361 -9.16 -7.59 43.58
C PRO B 361 -8.69 -8.76 44.42
N HIS B 362 -7.66 -8.51 45.22
CA HIS B 362 -7.12 -9.49 46.14
C HIS B 362 -5.94 -8.82 46.79
#